data_1ING
#
_entry.id   1ING
#
_cell.length_a   119.420
_cell.length_b   139.060
_cell.length_c   139.620
_cell.angle_alpha   90.00
_cell.angle_beta   90.00
_cell.angle_gamma   90.00
#
_symmetry.space_group_name_H-M   'C 2 2 21'
#
loop_
_entity.id
_entity.type
_entity.pdbx_description
1 polymer 'INFLUENZA A SUBTYPE N2 NEURAMINIDASE'
2 branched 2-acetamido-2-deoxy-beta-D-glucopyranose-(1-4)-2-acetamido-2-deoxy-beta-D-glucopyranose
3 branched beta-D-mannopyranose-(1-4)-2-acetamido-2-deoxy-beta-D-glucopyranose-(1-4)-[beta-L-fucopyranose-(1-6)]2-acetamido-2-deoxy-beta-D-glucopyranose
4 branched alpha-D-mannopyranose-(1-2)-alpha-D-mannopyranose-(1-3)-beta-D-mannopyranose-(1-4)-2-acetamido-2-deoxy-beta-D-glucopyranose-(1-4)-[alpha-D-mannopyranose-(1-6)]2-acetamido-2-deoxy-beta-D-glucopyranose
5 branched beta-D-mannopyranose-(1-4)-2-acetamido-2-deoxy-beta-D-glucopyranose-(1-4)-[alpha-L-fucopyranose-(1-6)]2-acetamido-2-deoxy-beta-D-glucopyranose
6 non-polymer 'CALCIUM ION'
7 non-polymer '4-(ACETYLAMINO)-3-[(HYDROXYACETYL)AMINO]BENZOIC ACID'
8 water water
#
_entity_poly.entity_id   1
_entity_poly.type   'polypeptide(L)'
_entity_poly.pdbx_seq_one_letter_code
;VEYRNWSKPQCQITGFAPFSKDNSIRLSAGGDIWVTREPYVSCDPVKCYQFALGQGTTLDNKHSNDTVHDRIPHRTLLMN
ELGVPFHLGTRQVCIAWSSSSCHDGKAWLHVCITGDDKNATASFIYDGRLVDSIGSWSQNILRTQESECVCINGTCTVVM
TDGSASGRADTRILFIEEGKIVHISPLAGSAQHVEECSCYPRYPGVRCICRDNWKGSNRPVVDINMEDYSIDSSYVCSGL
VGDTPRNDDRSSNSNCRDPNNERGTQGVKGWAFDNGNDLWMGRTISKDLRSGYETFKVIGGWSTPNSKSQINRQVIVDSD
NRSGYSGIFSVEGKSCINRCFYVELIRGRKQETRVWWTSNSIVVFCGTSGTYGTGSWPDGANINFMPI
;
_entity_poly.pdbx_strand_id   A,B
#
loop_
_chem_comp.id
_chem_comp.type
_chem_comp.name
_chem_comp.formula
BMA D-saccharide, beta linking beta-D-mannopyranose 'C6 H12 O6'
CA non-polymer 'CALCIUM ION' 'Ca 2'
FUC L-saccharide, alpha linking alpha-L-fucopyranose 'C6 H12 O5'
FUL L-saccharide, beta linking beta-L-fucopyranose 'C6 H12 O5'
MAN D-saccharide, alpha linking alpha-D-mannopyranose 'C6 H12 O6'
NAG D-saccharide, beta linking 2-acetamido-2-deoxy-beta-D-glucopyranose 'C8 H15 N O6'
ST5 non-polymer '4-(ACETYLAMINO)-3-[(HYDROXYACETYL)AMINO]BENZOIC ACID' 'C11 H12 N2 O5'
#
# COMPACT_ATOMS: atom_id res chain seq x y z
N VAL A 1 -25.63 -5.78 -3.62
CA VAL A 1 -24.97 -6.72 -2.65
C VAL A 1 -25.47 -6.40 -1.24
N GLU A 2 -25.24 -7.31 -0.32
CA GLU A 2 -25.63 -7.14 1.08
C GLU A 2 -24.36 -7.42 1.87
N TYR A 3 -24.39 -7.21 3.18
CA TYR A 3 -23.19 -7.50 3.98
C TYR A 3 -23.16 -8.93 4.42
N ARG A 4 -22.00 -9.39 4.82
CA ARG A 4 -21.88 -10.74 5.32
C ARG A 4 -22.35 -10.60 6.76
N ASN A 5 -23.34 -11.40 7.15
CA ASN A 5 -23.87 -11.36 8.52
C ASN A 5 -23.61 -12.69 9.19
N TRP A 6 -22.93 -13.58 8.47
CA TRP A 6 -22.55 -14.94 8.88
C TRP A 6 -23.52 -15.80 9.72
N SER A 7 -24.82 -15.52 9.69
CA SER A 7 -25.80 -16.30 10.47
C SER A 7 -26.02 -17.77 10.08
N LYS A 8 -24.96 -18.56 9.96
CA LYS A 8 -25.16 -19.96 9.60
C LYS A 8 -24.41 -20.84 10.55
N PRO A 9 -25.02 -21.99 10.88
CA PRO A 9 -24.36 -22.93 11.80
C PRO A 9 -23.01 -23.39 11.20
N GLN A 10 -21.99 -23.46 12.05
CA GLN A 10 -20.66 -23.90 11.62
C GLN A 10 -20.81 -25.36 11.16
N CYS A 11 -20.18 -25.71 10.05
CA CYS A 11 -20.28 -27.08 9.56
C CYS A 11 -19.76 -28.09 10.58
N GLN A 12 -20.26 -29.31 10.49
CA GLN A 12 -19.85 -30.35 11.40
C GLN A 12 -18.76 -31.16 10.69
N ILE A 13 -17.53 -30.67 10.80
CA ILE A 13 -16.40 -31.32 10.15
C ILE A 13 -15.85 -32.62 10.77
N THR A 14 -15.34 -33.48 9.90
CA THR A 14 -14.75 -34.79 10.19
C THR A 14 -13.22 -34.72 10.16
N GLY A 15 -12.70 -33.66 9.54
CA GLY A 15 -11.25 -33.50 9.45
C GLY A 15 -10.88 -32.49 8.38
N PHE A 16 -9.64 -32.57 7.88
CA PHE A 16 -9.21 -31.62 6.84
C PHE A 16 -8.72 -32.21 5.55
N ALA A 17 -9.21 -31.63 4.46
CA ALA A 17 -8.85 -32.06 3.12
C ALA A 17 -8.02 -30.96 2.45
N PRO A 18 -7.20 -31.33 1.47
CA PRO A 18 -6.34 -30.41 0.72
C PRO A 18 -7.11 -29.33 -0.08
N PHE A 19 -6.51 -28.14 -0.23
CA PHE A 19 -7.18 -27.06 -0.94
C PHE A 19 -6.32 -26.25 -1.92
N SER A 20 -5.15 -25.80 -1.45
CA SER A 20 -4.26 -25.01 -2.29
C SER A 20 -2.86 -25.26 -1.85
N LYS A 21 -1.92 -24.77 -2.64
CA LYS A 21 -0.49 -24.87 -2.41
C LYS A 21 0.07 -24.05 -3.55
N ASP A 22 1.14 -23.29 -3.32
CA ASP A 22 1.66 -22.50 -4.43
C ASP A 22 3.10 -22.74 -4.85
N ASN A 23 3.79 -23.65 -4.18
CA ASN A 23 5.18 -23.94 -4.54
C ASN A 23 6.11 -22.75 -4.78
N SER A 24 5.70 -21.59 -4.29
CA SER A 24 6.47 -20.36 -4.44
C SER A 24 7.98 -20.50 -4.32
N ILE A 25 8.47 -21.19 -3.30
CA ILE A 25 9.91 -21.33 -3.17
C ILE A 25 10.41 -22.17 -4.35
N ARG A 26 9.75 -23.31 -4.61
CA ARG A 26 10.19 -24.16 -5.72
C ARG A 26 10.35 -23.35 -7.02
N LEU A 27 9.33 -22.57 -7.33
CA LEU A 27 9.32 -21.74 -8.52
C LEU A 27 10.39 -20.62 -8.46
N SER A 28 10.69 -20.13 -7.26
CA SER A 28 11.67 -19.06 -7.04
C SER A 28 13.05 -19.33 -7.59
N ALA A 29 13.39 -20.60 -7.76
CA ALA A 29 14.70 -20.93 -8.30
C ALA A 29 14.63 -20.96 -9.83
N GLY A 30 13.47 -20.59 -10.36
CA GLY A 30 13.31 -20.59 -11.79
C GLY A 30 12.21 -19.65 -12.25
N GLY A 31 12.13 -18.48 -11.61
CA GLY A 31 11.12 -17.51 -11.98
C GLY A 31 11.17 -16.29 -11.07
N ASP A 32 10.71 -15.16 -11.59
CA ASP A 32 10.71 -13.92 -10.84
C ASP A 32 9.54 -13.94 -9.84
N ILE A 33 9.82 -14.57 -8.70
CA ILE A 33 8.84 -14.71 -7.65
C ILE A 33 9.28 -13.83 -6.49
N TRP A 34 8.31 -13.26 -5.78
CA TRP A 34 8.56 -12.39 -4.64
C TRP A 34 9.14 -13.10 -3.42
N VAL A 35 9.58 -12.32 -2.42
CA VAL A 35 10.17 -12.85 -1.18
C VAL A 35 9.29 -12.35 -0.03
N THR A 36 8.26 -13.11 0.31
CA THR A 36 7.33 -12.72 1.37
C THR A 36 7.56 -13.40 2.73
N ARG A 37 6.62 -13.14 3.62
CA ARG A 37 6.57 -13.68 4.98
C ARG A 37 5.27 -13.30 5.61
N GLU A 38 4.95 -14.01 6.69
CA GLU A 38 3.70 -13.84 7.44
C GLU A 38 2.56 -13.74 6.43
N PRO A 39 2.21 -14.86 5.79
CA PRO A 39 1.13 -14.93 4.80
C PRO A 39 -0.23 -15.23 5.45
N TYR A 40 -1.27 -15.29 4.64
CA TYR A 40 -2.62 -15.61 5.08
C TYR A 40 -3.55 -15.65 3.89
N VAL A 41 -4.75 -16.18 4.06
CA VAL A 41 -5.66 -16.20 2.94
C VAL A 41 -7.02 -15.74 3.45
N SER A 42 -7.80 -15.14 2.55
CA SER A 42 -9.11 -14.65 2.89
C SER A 42 -9.89 -14.78 1.58
N CYS A 43 -11.21 -14.66 1.68
CA CYS A 43 -12.08 -14.82 0.54
C CYS A 43 -13.24 -13.86 0.65
N ASP A 44 -13.73 -13.42 -0.50
CA ASP A 44 -14.89 -12.55 -0.57
C ASP A 44 -15.92 -13.62 -0.89
N PRO A 45 -17.20 -13.29 -0.84
CA PRO A 45 -18.18 -14.34 -1.17
C PRO A 45 -17.84 -15.26 -2.37
N VAL A 46 -17.50 -14.69 -3.52
CA VAL A 46 -17.18 -15.50 -4.71
C VAL A 46 -15.85 -16.28 -4.73
N LYS A 47 -14.74 -15.67 -4.32
CA LYS A 47 -13.49 -16.40 -4.36
C LYS A 47 -12.49 -16.02 -3.30
N CYS A 48 -11.40 -16.78 -3.23
CA CYS A 48 -10.33 -16.55 -2.27
C CYS A 48 -9.11 -15.94 -2.89
N TYR A 49 -8.28 -15.32 -2.05
CA TYR A 49 -7.03 -14.68 -2.45
C TYR A 49 -6.07 -15.03 -1.32
N GLN A 50 -4.78 -14.88 -1.61
CA GLN A 50 -3.73 -15.17 -0.66
C GLN A 50 -2.90 -13.91 -0.45
N PHE A 51 -2.70 -13.55 0.81
CA PHE A 51 -1.95 -12.39 1.16
C PHE A 51 -0.59 -12.79 1.69
N ALA A 52 0.34 -11.83 1.65
CA ALA A 52 1.73 -11.98 2.12
C ALA A 52 2.50 -10.64 2.09
N LEU A 53 3.27 -10.41 3.14
CA LEU A 53 4.07 -9.21 3.27
C LEU A 53 5.39 -9.46 2.57
N GLY A 54 5.50 -9.08 1.29
CA GLY A 54 6.75 -9.29 0.57
C GLY A 54 7.87 -8.42 1.10
N GLN A 55 9.11 -8.71 0.70
CA GLN A 55 10.23 -7.92 1.15
C GLN A 55 10.63 -6.87 0.15
N GLY A 56 9.66 -6.43 -0.65
CA GLY A 56 9.93 -5.43 -1.65
C GLY A 56 11.01 -5.89 -2.61
N THR A 57 11.10 -7.21 -2.80
CA THR A 57 12.10 -7.78 -3.67
C THR A 57 11.79 -9.24 -4.09
N THR A 58 12.66 -9.78 -4.93
CA THR A 58 12.57 -11.13 -5.46
C THR A 58 13.76 -11.92 -4.87
N LEU A 59 13.70 -13.27 -4.90
CA LEU A 59 14.79 -14.10 -4.37
C LEU A 59 16.11 -13.93 -5.11
N ASP A 60 16.03 -13.69 -6.42
CA ASP A 60 17.24 -13.50 -7.19
C ASP A 60 17.84 -12.13 -7.04
N ASN A 61 17.07 -11.20 -6.50
CA ASN A 61 17.60 -9.86 -6.28
C ASN A 61 18.60 -9.99 -5.15
N LYS A 62 19.74 -9.31 -5.28
CA LYS A 62 20.75 -9.34 -4.22
C LYS A 62 20.07 -8.66 -3.04
N HIS A 63 18.97 -7.97 -3.32
CA HIS A 63 18.19 -7.29 -2.33
C HIS A 63 17.49 -8.28 -1.41
N SER A 64 17.73 -9.57 -1.65
CA SER A 64 17.16 -10.61 -0.81
C SER A 64 18.05 -10.81 0.44
N ASN A 65 19.37 -10.61 0.29
CA ASN A 65 20.25 -10.78 1.44
C ASN A 65 19.71 -9.94 2.59
N ASP A 66 19.53 -10.60 3.73
CA ASP A 66 19.01 -10.00 4.96
C ASP A 66 17.52 -9.88 5.09
N THR A 67 16.83 -10.71 4.31
CA THR A 67 15.38 -10.75 4.30
C THR A 67 14.82 -11.27 5.62
N VAL A 68 15.69 -11.55 6.58
CA VAL A 68 15.27 -12.04 7.89
C VAL A 68 14.55 -10.93 8.65
N HIS A 69 15.11 -9.71 8.62
CA HIS A 69 14.52 -8.56 9.31
C HIS A 69 13.02 -8.50 9.11
N ASP A 70 12.31 -8.27 10.21
CA ASP A 70 10.85 -8.21 10.20
C ASP A 70 10.15 -6.98 9.63
N ARG A 71 10.76 -5.81 9.74
CA ARG A 71 10.11 -4.60 9.25
C ARG A 71 11.01 -3.63 8.52
N ILE A 72 10.81 -3.47 7.21
CA ILE A 72 11.62 -2.51 6.46
C ILE A 72 10.58 -1.67 5.76
N PRO A 73 10.90 -0.40 5.46
CA PRO A 73 9.92 0.45 4.78
C PRO A 73 9.38 -0.13 3.46
N HIS A 74 10.08 -1.13 2.93
CA HIS A 74 9.69 -1.78 1.67
C HIS A 74 8.69 -2.95 1.71
N ARG A 75 8.31 -3.40 2.91
CA ARG A 75 7.35 -4.50 2.99
C ARG A 75 5.99 -3.95 2.57
N THR A 76 5.46 -4.53 1.50
CA THR A 76 4.17 -4.16 0.92
C THR A 76 3.27 -5.42 0.96
N LEU A 77 1.97 -5.23 1.12
CA LEU A 77 1.01 -6.34 1.18
C LEU A 77 0.60 -6.79 -0.22
N LEU A 78 1.00 -8.01 -0.59
CA LEU A 78 0.70 -8.58 -1.89
C LEU A 78 -0.63 -9.27 -1.81
N MET A 79 -1.30 -9.39 -2.94
CA MET A 79 -2.60 -10.03 -2.96
C MET A 79 -2.93 -10.77 -4.27
N ASN A 80 -2.86 -12.10 -4.27
CA ASN A 80 -3.19 -12.84 -5.49
C ASN A 80 -4.41 -13.72 -5.26
N GLU A 81 -4.94 -14.25 -6.35
CA GLU A 81 -6.10 -15.13 -6.28
C GLU A 81 -5.48 -16.37 -5.64
N LEU A 82 -6.27 -17.09 -4.88
CA LEU A 82 -5.73 -18.28 -4.25
C LEU A 82 -5.19 -19.32 -5.25
N GLY A 83 -3.87 -19.45 -5.33
CA GLY A 83 -3.30 -20.43 -6.23
C GLY A 83 -2.28 -19.92 -7.22
N VAL A 84 -2.22 -18.60 -7.38
CA VAL A 84 -1.27 -18.00 -8.31
C VAL A 84 -0.17 -17.33 -7.53
N PRO A 85 1.08 -17.78 -7.72
CA PRO A 85 2.25 -17.23 -7.02
C PRO A 85 2.47 -15.74 -7.19
N PHE A 86 3.29 -15.21 -6.29
CA PHE A 86 3.63 -13.82 -6.28
C PHE A 86 4.72 -13.53 -7.32
N HIS A 87 4.27 -13.42 -8.56
CA HIS A 87 5.13 -13.13 -9.72
C HIS A 87 5.03 -11.61 -9.96
N LEU A 88 6.05 -11.02 -10.60
CA LEU A 88 6.09 -9.57 -10.87
C LEU A 88 4.75 -8.87 -11.20
N GLY A 89 3.76 -9.64 -11.65
CA GLY A 89 2.46 -9.08 -11.98
C GLY A 89 1.53 -8.93 -10.80
N THR A 90 2.04 -9.19 -9.59
CA THR A 90 1.28 -9.10 -8.35
C THR A 90 1.11 -7.65 -7.87
N ARG A 91 -0.07 -7.30 -7.40
CA ARG A 91 -0.30 -5.94 -6.92
C ARG A 91 0.07 -5.76 -5.46
N GLN A 92 0.81 -4.68 -5.17
CA GLN A 92 1.21 -4.37 -3.80
C GLN A 92 0.05 -3.51 -3.26
N VAL A 93 -0.99 -4.12 -2.70
CA VAL A 93 -2.14 -3.34 -2.23
C VAL A 93 -1.92 -2.16 -1.30
N CYS A 94 -0.75 -2.09 -0.65
CA CYS A 94 -0.46 -0.97 0.28
C CYS A 94 0.88 -1.23 0.92
N ILE A 95 1.38 -0.23 1.66
CA ILE A 95 2.67 -0.33 2.37
C ILE A 95 2.35 -0.87 3.77
N ALA A 96 2.99 -1.98 4.13
CA ALA A 96 2.72 -2.58 5.43
C ALA A 96 3.61 -3.77 5.84
N TRP A 97 4.14 -3.70 7.06
CA TRP A 97 4.96 -4.76 7.64
C TRP A 97 4.16 -5.60 8.63
N SER A 98 2.86 -5.38 8.65
CA SER A 98 1.97 -6.11 9.54
C SER A 98 0.58 -5.75 9.02
N SER A 99 -0.29 -6.73 8.84
CA SER A 99 -1.64 -6.42 8.31
C SER A 99 -2.81 -7.33 8.67
N SER A 100 -3.92 -7.14 7.98
CA SER A 100 -5.12 -7.94 8.17
C SER A 100 -6.15 -7.44 7.22
N SER A 101 -6.69 -8.30 6.39
CA SER A 101 -7.71 -7.86 5.46
C SER A 101 -8.94 -8.72 5.63
N CYS A 102 -10.11 -8.14 5.39
CA CYS A 102 -11.35 -8.86 5.48
C CYS A 102 -12.24 -8.22 4.47
N HIS A 103 -13.35 -8.85 4.17
CA HIS A 103 -14.26 -8.32 3.18
C HIS A 103 -15.66 -8.30 3.78
N ASP A 104 -16.08 -7.13 4.21
CA ASP A 104 -17.39 -6.91 4.83
C ASP A 104 -18.56 -7.52 4.06
N GLY A 105 -18.32 -7.84 2.79
CA GLY A 105 -19.37 -8.40 1.98
C GLY A 105 -19.72 -7.47 0.82
N LYS A 106 -19.05 -6.34 0.75
CA LYS A 106 -19.28 -5.37 -0.31
C LYS A 106 -17.96 -4.91 -0.91
N ALA A 107 -16.90 -4.88 -0.11
CA ALA A 107 -15.59 -4.45 -0.58
C ALA A 107 -14.56 -4.94 0.41
N TRP A 108 -13.28 -4.70 0.14
CA TRP A 108 -12.21 -5.13 1.05
C TRP A 108 -11.75 -4.03 1.98
N LEU A 109 -11.25 -4.44 3.14
CA LEU A 109 -10.73 -3.55 4.17
C LEU A 109 -9.30 -4.04 4.35
N HIS A 110 -8.33 -3.14 4.41
CA HIS A 110 -6.97 -3.57 4.58
C HIS A 110 -6.25 -2.79 5.65
N VAL A 111 -6.02 -3.42 6.80
CA VAL A 111 -5.32 -2.75 7.88
C VAL A 111 -3.85 -2.90 7.54
N CYS A 112 -3.23 -1.82 7.07
CA CYS A 112 -1.84 -1.87 6.67
C CYS A 112 -1.03 -1.06 7.67
N ILE A 113 0.11 -1.59 8.12
CA ILE A 113 0.97 -0.89 9.09
C ILE A 113 2.46 -0.71 8.74
N THR A 114 2.95 0.54 8.70
CA THR A 114 4.37 0.83 8.42
C THR A 114 4.88 1.99 9.24
N GLY A 115 6.19 2.21 9.16
CA GLY A 115 6.78 3.29 9.88
C GLY A 115 7.70 2.86 10.98
N ASP A 116 8.22 3.81 11.73
CA ASP A 116 9.13 3.54 12.83
C ASP A 116 8.43 2.68 13.83
N ASP A 117 9.21 1.80 14.47
CA ASP A 117 8.70 0.87 15.49
C ASP A 117 8.18 1.78 16.58
N LYS A 118 9.04 2.69 16.99
CA LYS A 118 8.68 3.63 18.02
C LYS A 118 7.40 4.36 17.64
N ASN A 119 7.34 4.97 16.47
CA ASN A 119 6.13 5.66 16.09
C ASN A 119 5.65 5.31 14.66
N ALA A 120 4.83 4.27 14.57
CA ALA A 120 4.29 3.78 13.31
C ALA A 120 2.85 4.21 13.14
N THR A 121 2.32 4.07 11.92
CA THR A 121 0.95 4.43 11.67
C THR A 121 0.23 3.22 11.12
N ALA A 122 -1.09 3.32 11.05
CA ALA A 122 -1.89 2.24 10.54
C ALA A 122 -2.93 2.80 9.61
N SER A 123 -2.78 2.53 8.31
CA SER A 123 -3.73 3.01 7.31
C SER A 123 -4.86 2.00 7.14
N PHE A 124 -6.07 2.54 7.08
CA PHE A 124 -7.27 1.75 6.90
C PHE A 124 -7.80 2.02 5.49
N ILE A 125 -7.29 1.26 4.53
CA ILE A 125 -7.71 1.41 3.13
C ILE A 125 -8.93 0.55 2.95
N TYR A 126 -10.04 1.17 2.56
CA TYR A 126 -11.27 0.44 2.34
C TYR A 126 -11.81 0.86 1.00
N ASP A 127 -12.23 -0.13 0.23
CA ASP A 127 -12.76 0.09 -1.09
C ASP A 127 -11.75 0.88 -1.91
N GLY A 128 -10.51 0.42 -1.86
CA GLY A 128 -9.45 1.03 -2.61
C GLY A 128 -8.92 2.35 -2.09
N ARG A 129 -9.80 3.11 -1.44
CA ARG A 129 -9.41 4.41 -0.88
C ARG A 129 -9.09 4.46 0.63
N LEU A 130 -8.15 5.34 1.03
CA LEU A 130 -7.77 5.45 2.45
C LEU A 130 -8.85 6.23 3.19
N VAL A 131 -9.58 5.51 4.03
CA VAL A 131 -10.69 6.09 4.81
C VAL A 131 -10.32 6.65 6.18
N ASP A 132 -9.32 6.05 6.83
CA ASP A 132 -8.95 6.54 8.14
C ASP A 132 -7.57 6.05 8.42
N SER A 133 -7.11 6.32 9.63
CA SER A 133 -5.79 5.91 10.07
C SER A 133 -5.77 6.10 11.57
N ILE A 134 -4.72 5.58 12.17
CA ILE A 134 -4.54 5.65 13.60
C ILE A 134 -3.04 5.57 13.80
N GLY A 135 -2.55 6.10 14.92
CA GLY A 135 -1.12 6.06 15.17
C GLY A 135 -0.79 5.22 16.38
N SER A 136 0.50 4.93 16.52
CA SER A 136 1.00 4.11 17.62
C SER A 136 0.72 4.66 19.00
N TRP A 137 0.01 3.89 19.83
CA TRP A 137 -0.30 4.34 21.19
C TRP A 137 0.76 4.09 22.26
N SER A 138 1.36 2.90 22.27
CA SER A 138 2.37 2.64 23.27
C SER A 138 3.74 2.88 22.70
N GLN A 139 3.81 3.53 21.54
CA GLN A 139 5.10 3.81 20.91
C GLN A 139 6.06 2.63 20.88
N ASN A 140 5.53 1.45 20.54
CA ASN A 140 6.29 0.20 20.46
C ASN A 140 5.69 -0.84 19.48
N ILE A 141 6.22 -0.85 18.26
CA ILE A 141 5.82 -1.75 17.18
C ILE A 141 4.34 -2.12 17.10
N LEU A 142 3.51 -1.10 16.82
CA LEU A 142 2.07 -1.25 16.71
C LEU A 142 1.88 -2.33 15.68
N ARG A 143 1.33 -3.46 16.10
CA ARG A 143 1.12 -4.59 15.21
C ARG A 143 -0.30 -5.06 15.21
N THR A 144 -0.57 -6.08 14.38
CA THR A 144 -1.91 -6.65 14.29
C THR A 144 -1.85 -8.18 14.03
N GLN A 145 -2.98 -8.75 13.59
CA GLN A 145 -3.13 -10.17 13.33
C GLN A 145 -2.20 -10.97 12.38
N GLU A 146 -1.99 -10.49 11.14
CA GLU A 146 -1.19 -11.17 10.11
C GLU A 146 -2.09 -12.33 9.67
N SER A 147 -3.38 -12.07 9.77
CA SER A 147 -4.45 -12.98 9.42
C SER A 147 -5.62 -12.09 9.01
N GLU A 148 -6.75 -12.69 8.70
CA GLU A 148 -7.87 -11.88 8.29
C GLU A 148 -8.84 -11.45 9.38
N CYS A 149 -9.16 -10.17 9.37
CA CYS A 149 -10.12 -9.62 10.33
C CYS A 149 -11.48 -10.19 9.89
N VAL A 150 -12.54 -9.98 10.68
CA VAL A 150 -13.88 -10.50 10.32
C VAL A 150 -14.90 -9.40 10.48
N CYS A 151 -15.95 -9.44 9.67
CA CYS A 151 -17.00 -8.44 9.67
C CYS A 151 -18.39 -9.06 9.82
N ILE A 152 -19.26 -8.37 10.54
CA ILE A 152 -20.62 -8.82 10.74
C ILE A 152 -21.54 -7.60 10.60
N ASN A 153 -22.34 -7.59 9.53
CA ASN A 153 -23.31 -6.55 9.19
C ASN A 153 -22.80 -5.17 8.79
N GLY A 154 -21.49 -5.01 8.64
CA GLY A 154 -20.97 -3.71 8.26
C GLY A 154 -19.79 -3.30 9.10
N THR A 155 -19.67 -3.85 10.31
CA THR A 155 -18.56 -3.52 11.19
C THR A 155 -17.52 -4.62 11.10
N CYS A 156 -16.25 -4.26 10.96
CA CYS A 156 -15.20 -5.23 10.85
C CYS A 156 -14.29 -5.05 12.05
N THR A 157 -14.00 -6.11 12.78
CA THR A 157 -13.16 -5.96 13.95
C THR A 157 -11.76 -6.55 13.88
N VAL A 158 -10.77 -5.69 14.01
CA VAL A 158 -9.39 -6.14 13.98
C VAL A 158 -8.84 -5.89 15.38
N VAL A 159 -8.10 -6.84 15.95
CA VAL A 159 -7.55 -6.62 17.29
C VAL A 159 -6.07 -6.32 17.08
N MET A 160 -5.62 -5.19 17.59
CA MET A 160 -4.23 -4.83 17.42
C MET A 160 -3.61 -4.70 18.80
N THR A 161 -2.29 -4.63 18.82
CA THR A 161 -1.53 -4.51 20.05
C THR A 161 -0.38 -3.54 19.77
N ASP A 162 0.23 -3.05 20.85
CA ASP A 162 1.32 -2.11 20.79
C ASP A 162 1.81 -2.15 22.26
N GLY A 163 3.05 -2.59 22.50
CA GLY A 163 3.52 -2.64 23.88
C GLY A 163 4.91 -3.17 24.27
N SER A 164 5.13 -4.48 24.12
CA SER A 164 6.39 -5.09 24.48
C SER A 164 6.27 -6.58 24.16
N ALA A 165 7.18 -7.06 23.29
CA ALA A 165 7.19 -8.48 22.88
C ALA A 165 6.96 -9.40 24.07
N SER A 166 7.90 -9.38 25.00
CA SER A 166 7.88 -10.18 26.21
C SER A 166 7.63 -9.20 27.35
N GLY A 167 6.36 -8.84 27.54
CA GLY A 167 6.02 -7.91 28.60
C GLY A 167 4.63 -7.38 28.39
N ARG A 168 4.11 -6.70 29.40
CA ARG A 168 2.76 -6.15 29.30
C ARG A 168 2.54 -5.20 28.12
N ALA A 169 1.66 -5.62 27.24
CA ALA A 169 1.33 -4.82 26.08
C ALA A 169 -0.07 -4.24 26.22
N ASP A 170 -0.33 -3.20 25.45
CA ASP A 170 -1.62 -2.54 25.45
C ASP A 170 -2.32 -3.08 24.20
N THR A 171 -3.19 -4.06 24.37
CA THR A 171 -3.90 -4.64 23.24
C THR A 171 -5.27 -4.01 23.24
N ARG A 172 -5.82 -3.73 22.07
CA ARG A 172 -7.14 -3.13 21.99
C ARG A 172 -7.78 -3.68 20.75
N ILE A 173 -9.08 -3.47 20.60
CA ILE A 173 -9.79 -3.97 19.43
C ILE A 173 -10.54 -2.83 18.75
N LEU A 174 -10.23 -2.57 17.49
CA LEU A 174 -10.90 -1.50 16.76
C LEU A 174 -12.08 -2.09 16.06
N PHE A 175 -13.07 -1.24 15.81
CA PHE A 175 -14.30 -1.61 15.14
C PHE A 175 -14.47 -0.70 13.91
N ILE A 176 -13.51 -0.82 13.00
CA ILE A 176 -13.49 -0.05 11.77
C ILE A 176 -14.73 -0.47 11.02
N GLU A 177 -15.64 0.48 10.83
CA GLU A 177 -16.90 0.20 10.17
C GLU A 177 -16.99 0.87 8.81
N GLU A 178 -16.45 0.19 7.80
CA GLU A 178 -16.43 0.68 6.41
C GLU A 178 -15.29 1.71 6.29
N GLY A 179 -14.08 1.25 6.62
CA GLY A 179 -12.91 2.11 6.57
C GLY A 179 -12.66 2.97 7.81
N LYS A 180 -13.71 3.59 8.33
CA LYS A 180 -13.61 4.48 9.49
C LYS A 180 -13.83 3.75 10.82
N ILE A 181 -12.87 3.90 11.72
CA ILE A 181 -12.87 3.29 13.07
C ILE A 181 -14.03 3.86 13.91
N VAL A 182 -15.13 3.12 14.03
CA VAL A 182 -16.27 3.60 14.80
C VAL A 182 -16.23 3.35 16.31
N HIS A 183 -15.15 2.77 16.83
CA HIS A 183 -15.07 2.53 18.27
C HIS A 183 -13.83 1.74 18.54
N ILE A 184 -13.32 1.84 19.77
CA ILE A 184 -12.11 1.13 20.18
C ILE A 184 -12.36 0.66 21.59
N SER A 185 -12.04 -0.59 21.87
CA SER A 185 -12.24 -1.16 23.20
C SER A 185 -10.99 -1.85 23.68
N PRO A 186 -10.52 -1.49 24.88
CA PRO A 186 -9.31 -2.11 25.41
C PRO A 186 -9.63 -3.58 25.76
N LEU A 187 -8.61 -4.42 25.73
CA LEU A 187 -8.79 -5.83 26.03
C LEU A 187 -9.26 -6.07 27.46
N ALA A 188 -10.31 -6.88 27.58
CA ALA A 188 -10.88 -7.23 28.86
C ALA A 188 -10.39 -8.64 29.23
N GLY A 189 -11.19 -9.40 29.98
CA GLY A 189 -10.83 -10.75 30.38
C GLY A 189 -9.46 -10.97 31.01
N SER A 190 -9.15 -12.26 31.23
CA SER A 190 -7.90 -12.73 31.84
C SER A 190 -6.60 -12.75 31.07
N ALA A 191 -6.69 -13.02 29.77
CA ALA A 191 -5.53 -13.07 28.87
C ALA A 191 -4.34 -12.14 29.25
N GLN A 192 -3.13 -12.67 29.25
CA GLN A 192 -1.93 -11.89 29.63
C GLN A 192 -1.03 -11.31 28.55
N HIS A 193 -1.37 -11.52 27.28
CA HIS A 193 -0.54 -11.00 26.20
C HIS A 193 -1.00 -11.45 24.84
N VAL A 194 -2.00 -10.76 24.30
CA VAL A 194 -2.51 -11.08 23.00
C VAL A 194 -1.63 -10.52 21.90
N GLU A 195 -1.27 -11.42 20.98
CA GLU A 195 -0.42 -11.12 19.84
C GLU A 195 -1.01 -11.86 18.65
N GLU A 196 -0.85 -11.27 17.47
CA GLU A 196 -1.30 -11.81 16.18
C GLU A 196 -2.45 -12.84 16.18
N CYS A 197 -3.64 -12.35 16.45
CA CYS A 197 -4.79 -13.20 16.50
C CYS A 197 -5.27 -13.80 15.20
N SER A 198 -5.90 -14.96 15.36
CA SER A 198 -6.50 -15.75 14.29
C SER A 198 -7.97 -15.65 14.69
N CYS A 199 -8.74 -14.82 14.00
CA CYS A 199 -10.13 -14.66 14.35
C CYS A 199 -11.12 -15.31 13.41
N TYR A 200 -12.34 -15.54 13.90
CA TYR A 200 -13.38 -16.18 13.10
C TYR A 200 -14.78 -15.84 13.58
N PRO A 201 -15.75 -15.72 12.65
CA PRO A 201 -17.13 -15.41 13.00
C PRO A 201 -17.77 -16.51 13.82
N ARG A 202 -18.48 -16.12 14.87
CA ARG A 202 -19.17 -17.04 15.76
C ARG A 202 -20.49 -16.32 16.00
N TYR A 203 -21.25 -16.08 14.93
CA TYR A 203 -22.51 -15.36 15.08
C TYR A 203 -23.16 -15.43 16.47
N PRO A 204 -23.52 -14.28 17.05
CA PRO A 204 -23.37 -12.91 16.52
C PRO A 204 -22.07 -12.27 16.96
N GLY A 205 -21.08 -13.08 17.29
CA GLY A 205 -19.82 -12.51 17.73
C GLY A 205 -18.60 -12.95 16.94
N VAL A 206 -17.41 -12.63 17.43
CA VAL A 206 -16.18 -13.00 16.78
C VAL A 206 -15.24 -13.63 17.84
N ARG A 207 -14.57 -14.73 17.52
CA ARG A 207 -13.68 -15.36 18.50
C ARG A 207 -12.25 -15.45 17.97
N CYS A 208 -11.26 -15.25 18.84
CA CYS A 208 -9.88 -15.27 18.41
C CYS A 208 -8.89 -16.11 19.23
N ILE A 209 -8.30 -17.15 18.66
CA ILE A 209 -7.33 -17.91 19.44
C ILE A 209 -6.08 -17.17 18.99
N CYS A 210 -5.37 -16.58 19.93
CA CYS A 210 -4.20 -15.81 19.57
C CYS A 210 -2.90 -16.42 20.01
N ARG A 211 -1.92 -15.55 20.21
CA ARG A 211 -0.58 -15.93 20.64
C ARG A 211 -0.35 -15.37 22.07
N ASP A 212 0.84 -15.62 22.61
CA ASP A 212 1.23 -15.18 23.93
C ASP A 212 2.73 -15.41 24.00
N ASN A 213 3.43 -14.30 23.72
CA ASN A 213 4.87 -14.21 23.71
C ASN A 213 5.43 -14.01 25.10
N TRP A 214 4.55 -13.73 26.05
CA TRP A 214 5.00 -13.50 27.42
C TRP A 214 5.28 -14.72 28.28
N LYS A 215 4.23 -15.39 28.76
CA LYS A 215 4.46 -16.54 29.63
C LYS A 215 3.41 -17.64 29.57
N GLY A 216 3.14 -18.08 28.35
CA GLY A 216 2.16 -19.13 28.09
C GLY A 216 2.42 -19.80 26.74
N SER A 217 2.09 -21.10 26.72
CA SER A 217 2.22 -21.95 25.56
C SER A 217 0.79 -22.25 25.16
N ASN A 218 -0.13 -22.19 26.12
CA ASN A 218 -1.53 -22.42 25.86
C ASN A 218 -2.03 -21.17 25.18
N ARG A 219 -2.91 -21.32 24.21
CA ARG A 219 -3.40 -20.15 23.50
C ARG A 219 -4.50 -19.27 24.07
N PRO A 220 -4.27 -17.95 24.02
CA PRO A 220 -5.17 -16.92 24.49
C PRO A 220 -6.46 -16.97 23.65
N VAL A 221 -7.55 -16.45 24.17
CA VAL A 221 -8.81 -16.45 23.44
C VAL A 221 -9.44 -15.09 23.71
N VAL A 222 -9.74 -14.35 22.64
CA VAL A 222 -10.33 -13.04 22.79
C VAL A 222 -11.70 -12.96 22.13
N ASP A 223 -12.76 -12.98 22.93
CA ASP A 223 -14.11 -12.90 22.38
C ASP A 223 -14.64 -11.47 22.34
N ILE A 224 -15.07 -11.06 21.15
CA ILE A 224 -15.61 -9.73 20.91
C ILE A 224 -17.10 -9.86 20.64
N ASN A 225 -17.90 -9.13 21.41
CA ASN A 225 -19.35 -9.16 21.23
C ASN A 225 -19.63 -8.05 20.24
N MET A 226 -20.24 -8.41 19.12
CA MET A 226 -20.51 -7.40 18.11
C MET A 226 -21.62 -6.49 18.55
N GLU A 227 -22.54 -7.02 19.33
CA GLU A 227 -23.68 -6.25 19.79
C GLU A 227 -23.36 -4.97 20.56
N ASP A 228 -22.51 -5.07 21.59
CA ASP A 228 -22.20 -3.89 22.38
C ASP A 228 -20.75 -3.39 22.40
N TYR A 229 -19.92 -3.89 21.49
CA TYR A 229 -18.52 -3.50 21.42
C TYR A 229 -17.67 -4.03 22.58
N SER A 230 -18.26 -4.87 23.43
CA SER A 230 -17.55 -5.43 24.58
C SER A 230 -16.39 -6.35 24.22
N ILE A 231 -15.77 -6.92 25.25
CA ILE A 231 -14.66 -7.82 25.07
C ILE A 231 -14.62 -8.71 26.29
N ASP A 232 -14.00 -9.87 26.14
CA ASP A 232 -13.83 -10.84 27.18
C ASP A 232 -12.60 -11.59 26.70
N SER A 233 -11.94 -12.32 27.58
CA SER A 233 -10.76 -13.07 27.17
C SER A 233 -10.46 -14.17 28.17
N SER A 234 -9.64 -15.13 27.75
CA SER A 234 -9.26 -16.27 28.58
C SER A 234 -8.19 -17.01 27.82
N TYR A 235 -8.06 -18.32 28.08
CA TYR A 235 -7.08 -19.18 27.44
C TYR A 235 -7.79 -20.49 27.11
N VAL A 236 -7.24 -21.25 26.17
CA VAL A 236 -7.87 -22.51 25.80
C VAL A 236 -7.70 -23.52 26.92
N CYS A 237 -8.74 -24.33 27.11
CA CYS A 237 -8.73 -25.33 28.14
C CYS A 237 -7.77 -26.47 27.85
N SER A 238 -7.55 -26.76 26.57
CA SER A 238 -6.66 -27.84 26.14
C SER A 238 -5.38 -28.06 26.94
N GLY A 239 -5.15 -29.32 27.27
CA GLY A 239 -3.97 -29.72 28.01
C GLY A 239 -2.86 -30.00 27.04
N LEU A 240 -3.23 -30.36 25.80
CA LEU A 240 -2.24 -30.64 24.77
C LEU A 240 -1.50 -29.34 24.60
N VAL A 241 -2.24 -28.24 24.41
CA VAL A 241 -1.61 -26.91 24.27
C VAL A 241 -0.87 -26.75 22.94
N GLY A 242 -1.06 -25.60 22.31
CA GLY A 242 -0.39 -25.42 21.03
C GLY A 242 0.23 -24.10 20.62
N ASP A 243 1.49 -23.93 21.01
CA ASP A 243 2.27 -22.75 20.70
C ASP A 243 3.60 -23.42 20.47
N THR A 244 4.68 -22.66 20.47
CA THR A 244 6.02 -23.21 20.26
C THR A 244 7.05 -22.14 20.55
N PRO A 245 7.97 -22.43 21.48
CA PRO A 245 8.01 -23.74 22.15
C PRO A 245 6.99 -23.92 23.26
N ARG A 246 6.81 -25.18 23.65
CA ARG A 246 5.90 -25.59 24.70
C ARG A 246 6.59 -26.77 25.44
N ASN A 247 6.04 -27.20 26.56
CA ASN A 247 6.67 -28.30 27.29
C ASN A 247 6.73 -29.65 26.60
N ASP A 248 5.59 -30.33 26.53
CA ASP A 248 5.43 -31.64 25.87
C ASP A 248 4.20 -32.29 26.45
N ASP A 249 3.37 -32.83 25.56
CA ASP A 249 2.11 -33.49 25.91
C ASP A 249 1.91 -34.03 27.30
N ARG A 250 2.88 -34.79 27.78
CA ARG A 250 2.78 -35.37 29.12
C ARG A 250 2.86 -34.29 30.19
N SER A 251 3.89 -33.47 30.11
CA SER A 251 4.08 -32.41 31.08
C SER A 251 3.56 -30.99 30.78
N SER A 252 2.62 -30.83 29.84
CA SER A 252 2.09 -29.49 29.51
C SER A 252 0.74 -29.33 30.19
N ASN A 253 0.33 -28.09 30.49
CA ASN A 253 -0.95 -27.89 31.16
C ASN A 253 -1.58 -26.59 30.74
N SER A 254 -2.79 -26.34 31.24
CA SER A 254 -3.57 -25.13 30.94
C SER A 254 -4.85 -25.29 31.75
N ASN A 255 -5.47 -24.18 32.14
CA ASN A 255 -6.69 -24.20 32.93
C ASN A 255 -7.73 -23.24 32.40
N CYS A 256 -7.55 -22.82 31.15
CA CYS A 256 -8.43 -21.87 30.46
C CYS A 256 -8.44 -20.50 31.13
N ARG A 257 -7.77 -20.37 32.26
CA ARG A 257 -7.77 -19.11 33.00
C ARG A 257 -6.49 -18.28 32.99
N ASP A 258 -5.35 -18.92 33.15
CA ASP A 258 -4.10 -18.17 33.21
C ASP A 258 -2.97 -18.68 32.30
N PRO A 259 -1.93 -17.83 32.08
CA PRO A 259 -0.83 -18.30 31.23
C PRO A 259 -0.21 -19.47 31.99
N ASN A 260 0.08 -20.55 31.30
CA ASN A 260 0.66 -21.69 31.98
C ASN A 260 2.08 -21.50 32.49
N ASN A 261 2.77 -20.48 32.00
CA ASN A 261 4.15 -20.21 32.39
C ASN A 261 5.00 -21.45 32.13
N GLU A 262 4.78 -22.08 30.97
CA GLU A 262 5.50 -23.29 30.61
C GLU A 262 6.22 -23.04 29.29
N ARG A 263 7.36 -22.35 29.37
CA ARG A 263 8.17 -21.99 28.17
C ARG A 263 7.53 -20.81 27.39
N GLY A 264 6.53 -20.21 28.03
CA GLY A 264 5.76 -19.09 27.52
C GLY A 264 6.38 -17.98 26.71
N THR A 265 7.45 -17.38 27.21
CA THR A 265 8.12 -16.32 26.47
C THR A 265 8.49 -17.14 25.27
N GLN A 266 7.73 -16.92 24.20
CA GLN A 266 7.90 -17.63 22.96
C GLN A 266 6.56 -17.52 22.24
N GLY A 267 6.57 -17.89 20.97
CA GLY A 267 5.34 -17.87 20.21
C GLY A 267 5.51 -18.10 18.74
N VAL A 268 4.36 -18.21 18.10
CA VAL A 268 4.24 -18.41 16.68
C VAL A 268 2.75 -18.23 16.51
N LYS A 269 2.34 -17.63 15.39
CA LYS A 269 0.91 -17.43 15.17
C LYS A 269 0.23 -18.77 14.97
N GLY A 270 -0.79 -19.03 15.75
CA GLY A 270 -1.49 -20.29 15.62
C GLY A 270 -2.96 -20.07 15.48
N TRP A 271 -3.75 -21.16 15.50
CA TRP A 271 -5.21 -21.08 15.36
C TRP A 271 -5.90 -22.26 16.07
N ALA A 272 -7.23 -22.20 16.14
CA ALA A 272 -8.05 -23.24 16.78
C ALA A 272 -9.51 -22.81 16.79
N PHE A 273 -10.39 -23.77 17.03
CA PHE A 273 -11.79 -23.44 17.11
C PHE A 273 -12.59 -24.45 17.88
N ASP A 274 -13.64 -23.96 18.52
CA ASP A 274 -14.48 -24.82 19.31
C ASP A 274 -15.38 -25.66 18.41
N ASN A 275 -16.27 -26.39 19.06
CA ASN A 275 -17.25 -27.25 18.42
C ASN A 275 -17.76 -28.00 19.62
N GLY A 276 -18.88 -27.56 20.16
CA GLY A 276 -19.43 -28.20 21.34
C GLY A 276 -18.41 -27.96 22.45
N ASN A 277 -18.05 -29.01 23.17
CA ASN A 277 -17.08 -28.84 24.22
C ASN A 277 -15.68 -29.14 23.71
N ASP A 278 -15.59 -29.55 22.44
CA ASP A 278 -14.33 -29.90 21.79
C ASP A 278 -13.60 -28.76 21.12
N LEU A 279 -12.34 -29.02 20.79
CA LEU A 279 -11.49 -28.01 20.16
C LEU A 279 -10.66 -28.48 18.97
N TRP A 280 -11.00 -28.05 17.76
CA TRP A 280 -10.22 -28.41 16.59
C TRP A 280 -8.99 -27.51 16.69
N MET A 281 -7.81 -28.06 16.51
CA MET A 281 -6.65 -27.22 16.62
C MET A 281 -5.48 -27.80 15.90
N GLY A 282 -4.41 -27.03 15.77
CA GLY A 282 -3.24 -27.53 15.08
C GLY A 282 -2.02 -26.81 15.59
N ARG A 283 -0.90 -27.53 15.66
CA ARG A 283 0.36 -26.97 16.12
C ARG A 283 1.49 -27.64 15.36
N THR A 284 2.72 -27.19 15.59
CA THR A 284 3.87 -27.77 14.92
C THR A 284 4.08 -29.16 15.53
N ILE A 285 4.55 -30.11 14.74
CA ILE A 285 4.76 -31.43 15.29
C ILE A 285 5.90 -31.32 16.32
N SER A 286 6.82 -30.37 16.10
CA SER A 286 7.94 -30.16 17.02
C SER A 286 7.51 -29.20 18.12
N LYS A 287 7.99 -29.39 19.33
CA LYS A 287 7.60 -28.49 20.42
C LYS A 287 8.64 -27.42 20.78
N ASP A 288 9.80 -27.45 20.13
CA ASP A 288 10.88 -26.48 20.34
C ASP A 288 11.10 -25.60 19.10
N LEU A 289 11.09 -26.27 17.96
CA LEU A 289 11.27 -25.63 16.66
C LEU A 289 9.97 -25.67 15.88
N ARG A 290 9.91 -24.88 14.81
CA ARG A 290 8.73 -24.80 13.95
C ARG A 290 8.55 -25.92 12.91
N SER A 291 9.36 -26.97 12.99
CA SER A 291 9.26 -28.10 12.06
C SER A 291 7.94 -28.84 12.11
N GLY A 292 7.50 -29.26 10.93
CA GLY A 292 6.26 -30.00 10.78
C GLY A 292 5.03 -29.32 11.33
N TYR A 293 3.86 -29.87 11.03
CA TYR A 293 2.62 -29.31 11.51
C TYR A 293 1.56 -30.41 11.50
N GLU A 294 0.83 -30.51 12.62
CA GLU A 294 -0.22 -31.51 12.84
C GLU A 294 -1.50 -30.79 13.22
N THR A 295 -2.59 -31.54 13.22
CA THR A 295 -3.91 -31.04 13.58
C THR A 295 -4.56 -32.24 14.23
N PHE A 296 -5.58 -32.00 15.04
CA PHE A 296 -6.30 -33.06 15.72
C PHE A 296 -7.45 -32.48 16.47
N LYS A 297 -8.27 -33.36 17.01
CA LYS A 297 -9.43 -32.95 17.77
C LYS A 297 -9.26 -33.37 19.22
N VAL A 298 -9.34 -32.39 20.12
CA VAL A 298 -9.21 -32.66 21.56
C VAL A 298 -10.63 -32.71 22.10
N ILE A 299 -11.07 -33.91 22.45
CA ILE A 299 -12.41 -34.08 23.00
C ILE A 299 -12.37 -33.38 24.33
N GLY A 300 -13.25 -32.39 24.47
CA GLY A 300 -13.32 -31.63 25.71
C GLY A 300 -12.46 -30.38 25.73
N GLY A 301 -11.37 -30.40 24.97
CA GLY A 301 -10.46 -29.27 24.91
C GLY A 301 -11.05 -27.88 25.02
N TRP A 302 -12.29 -27.68 24.62
CA TRP A 302 -12.85 -26.35 24.74
C TRP A 302 -13.33 -25.97 26.14
N SER A 303 -14.25 -26.77 26.67
CA SER A 303 -14.84 -26.53 27.98
C SER A 303 -14.27 -27.16 29.26
N THR A 304 -13.25 -28.00 29.15
CA THR A 304 -12.70 -28.60 30.36
C THR A 304 -11.23 -28.39 30.57
N PRO A 305 -10.86 -27.84 31.72
CA PRO A 305 -9.44 -27.59 31.98
C PRO A 305 -8.56 -28.78 31.69
N ASN A 306 -7.33 -28.44 31.35
CA ASN A 306 -6.24 -29.36 31.04
C ASN A 306 -6.65 -30.72 30.50
N SER A 307 -7.41 -30.74 29.39
CA SER A 307 -7.84 -31.99 28.77
C SER A 307 -6.76 -32.43 27.78
N LYS A 308 -6.34 -33.68 27.83
CA LYS A 308 -5.33 -34.14 26.90
C LYS A 308 -5.86 -35.30 26.05
N SER A 309 -7.19 -35.42 26.02
CA SER A 309 -7.84 -36.47 25.25
C SER A 309 -7.86 -36.03 23.80
N GLN A 310 -6.89 -36.50 23.03
CA GLN A 310 -6.78 -36.16 21.61
C GLN A 310 -7.53 -37.13 20.74
N ILE A 311 -7.73 -36.78 19.47
CA ILE A 311 -8.40 -37.63 18.47
C ILE A 311 -8.28 -36.99 17.06
N ASN A 312 -8.69 -37.71 16.00
CA ASN A 312 -8.62 -37.22 14.60
C ASN A 312 -7.38 -36.45 14.12
N ARG A 313 -6.21 -36.79 14.62
CA ARG A 313 -5.01 -36.09 14.19
C ARG A 313 -4.68 -36.29 12.72
N GLN A 314 -3.70 -35.54 12.22
CA GLN A 314 -3.28 -35.62 10.85
C GLN A 314 -1.98 -34.88 10.65
N VAL A 315 -1.08 -35.45 9.86
CA VAL A 315 0.17 -34.77 9.58
C VAL A 315 -0.13 -34.01 8.32
N ILE A 316 0.03 -32.70 8.38
CA ILE A 316 -0.20 -31.83 7.26
C ILE A 316 1.22 -31.69 6.69
N VAL A 317 2.18 -31.33 7.54
CA VAL A 317 3.58 -31.17 7.13
C VAL A 317 4.41 -32.20 7.96
N ASP A 318 5.08 -33.13 7.28
CA ASP A 318 5.88 -34.12 8.00
C ASP A 318 6.88 -33.40 8.87
N SER A 319 7.21 -34.02 9.99
CA SER A 319 8.16 -33.48 10.96
C SER A 319 9.56 -33.16 10.47
N ASP A 320 9.98 -33.77 9.38
CA ASP A 320 11.33 -33.55 8.90
C ASP A 320 11.64 -32.27 8.15
N ASN A 321 10.66 -31.37 8.14
CA ASN A 321 10.82 -30.08 7.47
C ASN A 321 10.04 -28.97 8.11
N ARG A 322 10.38 -27.76 7.71
CA ARG A 322 9.82 -26.50 8.21
C ARG A 322 8.36 -26.18 7.96
N SER A 323 7.82 -25.50 8.98
CA SER A 323 6.45 -24.99 9.09
C SER A 323 6.64 -23.49 9.47
N GLY A 324 5.70 -22.93 10.23
CA GLY A 324 5.78 -21.55 10.65
C GLY A 324 4.43 -21.03 11.12
N TYR A 325 4.22 -19.74 10.85
CA TYR A 325 2.98 -19.08 11.19
C TYR A 325 1.79 -19.87 10.69
N SER A 326 0.64 -19.60 11.28
CA SER A 326 -0.57 -20.29 10.87
C SER A 326 -1.77 -19.53 11.39
N GLY A 327 -2.76 -19.39 10.52
CA GLY A 327 -3.97 -18.69 10.87
C GLY A 327 -5.16 -19.52 10.41
N ILE A 328 -6.34 -18.99 10.65
CA ILE A 328 -7.57 -19.65 10.29
C ILE A 328 -8.22 -18.75 9.23
N PHE A 329 -9.31 -19.24 8.64
CA PHE A 329 -10.07 -18.50 7.65
C PHE A 329 -11.38 -19.23 7.40
N SER A 330 -12.45 -18.48 7.36
CA SER A 330 -13.74 -19.07 7.15
C SER A 330 -14.24 -18.89 5.73
N VAL A 331 -15.22 -19.72 5.36
CA VAL A 331 -15.81 -19.68 4.05
C VAL A 331 -17.26 -20.06 4.18
N GLU A 332 -18.16 -19.22 3.70
CA GLU A 332 -19.57 -19.56 3.79
C GLU A 332 -19.96 -20.67 2.81
N GLY A 333 -20.64 -21.67 3.34
CA GLY A 333 -21.10 -22.79 2.55
C GLY A 333 -22.54 -22.49 2.18
N LYS A 334 -23.22 -23.40 1.51
CA LYS A 334 -24.60 -23.13 1.13
C LYS A 334 -25.52 -23.36 2.31
N SER A 335 -24.99 -24.04 3.31
CA SER A 335 -25.78 -24.30 4.49
C SER A 335 -25.07 -24.00 5.81
N CYS A 336 -23.75 -23.98 5.78
CA CYS A 336 -23.00 -23.76 6.99
C CYS A 336 -21.70 -23.07 6.71
N ILE A 337 -21.18 -22.38 7.73
CA ILE A 337 -19.92 -21.67 7.56
C ILE A 337 -18.77 -22.62 7.95
N ASN A 338 -18.06 -23.04 6.90
CA ASN A 338 -16.93 -23.96 6.98
C ASN A 338 -15.71 -23.30 7.62
N ARG A 339 -14.78 -24.11 8.12
CA ARG A 339 -13.58 -23.62 8.77
C ARG A 339 -12.35 -24.10 8.01
N CYS A 340 -11.39 -23.22 7.74
CA CYS A 340 -10.16 -23.60 7.00
C CYS A 340 -8.89 -22.98 7.60
N PHE A 341 -7.74 -23.59 7.34
CA PHE A 341 -6.48 -23.07 7.87
C PHE A 341 -5.41 -23.07 6.76
N TYR A 342 -4.31 -22.37 7.01
CA TYR A 342 -3.21 -22.30 6.04
C TYR A 342 -1.96 -22.44 6.86
N VAL A 343 -0.88 -22.83 6.22
CA VAL A 343 0.39 -23.04 6.86
C VAL A 343 1.52 -22.32 6.15
N GLU A 344 2.26 -21.50 6.88
CA GLU A 344 3.38 -20.77 6.30
C GLU A 344 4.64 -21.64 6.26
N LEU A 345 5.07 -22.05 5.07
CA LEU A 345 6.28 -22.85 4.99
C LEU A 345 7.44 -21.92 4.69
N ILE A 346 8.19 -21.59 5.74
CA ILE A 346 9.34 -20.70 5.67
C ILE A 346 10.66 -21.40 5.34
N ARG A 347 11.48 -20.75 4.55
CA ARG A 347 12.79 -21.26 4.13
C ARG A 347 13.75 -20.07 4.18
N GLY A 348 15.03 -20.34 4.38
CA GLY A 348 15.99 -19.26 4.43
C GLY A 348 16.66 -19.05 5.76
N ARG A 349 17.53 -18.04 5.80
CA ARG A 349 18.33 -17.66 6.97
C ARG A 349 17.92 -18.00 8.38
N LYS A 350 18.98 -18.14 9.17
CA LYS A 350 18.95 -18.50 10.57
C LYS A 350 18.83 -20.00 10.58
N GLN A 351 17.65 -20.55 10.30
CA GLN A 351 17.58 -22.01 10.32
C GLN A 351 18.48 -22.55 9.23
N GLU A 352 18.12 -22.37 7.96
CA GLU A 352 18.95 -22.84 6.84
C GLU A 352 19.91 -21.71 6.49
N THR A 353 21.21 -21.99 6.48
CA THR A 353 22.17 -20.93 6.18
C THR A 353 22.93 -20.98 4.87
N ARG A 354 22.59 -21.92 3.99
CA ARG A 354 23.30 -21.97 2.73
C ARG A 354 22.95 -20.69 1.97
N VAL A 355 21.71 -20.26 2.14
CA VAL A 355 21.22 -19.07 1.49
C VAL A 355 21.25 -17.83 2.38
N TRP A 356 21.06 -16.66 1.80
CA TRP A 356 21.06 -15.41 2.55
C TRP A 356 19.69 -14.75 2.62
N TRP A 357 18.71 -15.40 1.99
CA TRP A 357 17.31 -14.91 1.91
C TRP A 357 16.42 -15.74 2.81
N THR A 358 15.24 -15.22 3.12
CA THR A 358 14.27 -15.89 3.99
C THR A 358 12.87 -15.67 3.44
N SER A 359 12.37 -16.61 2.63
CA SER A 359 11.03 -16.48 2.04
C SER A 359 10.16 -17.62 2.53
N ASN A 360 8.93 -17.71 2.02
CA ASN A 360 8.05 -18.81 2.43
C ASN A 360 7.01 -19.13 1.36
N SER A 361 6.48 -20.36 1.39
CA SER A 361 5.46 -20.79 0.44
C SER A 361 4.32 -21.23 1.34
N ILE A 362 3.10 -21.30 0.82
CA ILE A 362 2.00 -21.72 1.68
C ILE A 362 1.39 -23.09 1.33
N VAL A 363 0.43 -23.51 2.16
CA VAL A 363 -0.30 -24.78 2.00
C VAL A 363 -1.62 -24.54 2.69
N VAL A 364 -2.71 -24.96 2.08
CA VAL A 364 -4.00 -24.74 2.74
C VAL A 364 -5.02 -25.88 2.59
N PHE A 365 -5.41 -26.41 3.74
CA PHE A 365 -6.39 -27.47 3.82
C PHE A 365 -7.65 -26.78 4.24
N CYS A 366 -8.77 -27.48 4.14
CA CYS A 366 -10.05 -26.92 4.53
C CYS A 366 -10.92 -27.98 5.17
N GLY A 367 -11.73 -27.54 6.12
CA GLY A 367 -12.60 -28.46 6.78
C GLY A 367 -13.37 -29.30 5.79
N THR A 368 -13.76 -30.49 6.24
CA THR A 368 -14.50 -31.44 5.44
C THR A 368 -15.17 -32.48 6.28
N SER A 369 -16.42 -32.76 5.93
CA SER A 369 -17.19 -33.77 6.63
C SER A 369 -17.05 -35.07 5.86
N GLY A 370 -16.33 -35.03 4.74
CA GLY A 370 -16.13 -36.22 3.93
C GLY A 370 -15.10 -37.16 4.52
N THR A 371 -14.41 -37.89 3.64
CA THR A 371 -13.39 -38.85 4.07
C THR A 371 -12.08 -38.26 3.59
N TYR A 372 -10.96 -38.93 3.86
CA TYR A 372 -9.67 -38.44 3.43
C TYR A 372 -8.57 -39.42 3.83
N GLY A 373 -7.50 -39.44 3.07
CA GLY A 373 -6.40 -40.32 3.38
C GLY A 373 -5.45 -39.69 4.37
N THR A 374 -4.16 -39.78 4.03
CA THR A 374 -3.05 -39.25 4.82
C THR A 374 -1.96 -38.81 3.85
N GLY A 375 -1.18 -37.81 4.25
CA GLY A 375 -0.08 -37.32 3.42
C GLY A 375 0.76 -36.37 4.24
N SER A 376 1.60 -35.61 3.54
CA SER A 376 2.50 -34.61 4.12
C SER A 376 2.87 -33.72 2.96
N TRP A 377 2.41 -32.48 2.98
CA TRP A 377 2.69 -31.54 1.90
C TRP A 377 3.63 -30.40 2.26
N PRO A 378 4.94 -30.67 2.30
CA PRO A 378 5.91 -29.64 2.64
C PRO A 378 6.15 -28.60 1.55
N ASP A 379 7.22 -27.82 1.72
CA ASP A 379 7.61 -26.78 0.78
C ASP A 379 8.16 -27.46 -0.48
N GLY A 380 9.07 -28.41 -0.28
CA GLY A 380 9.65 -29.13 -1.39
C GLY A 380 10.87 -28.57 -2.08
N ALA A 381 11.26 -27.33 -1.78
CA ALA A 381 12.42 -26.74 -2.42
C ALA A 381 13.78 -27.28 -1.97
N ASN A 382 14.56 -27.75 -2.91
CA ASN A 382 15.88 -28.27 -2.58
C ASN A 382 16.76 -27.04 -2.35
N ILE A 383 17.09 -26.80 -1.09
CA ILE A 383 17.90 -25.67 -0.68
C ILE A 383 19.25 -25.62 -1.39
N ASN A 384 19.62 -26.73 -1.99
CA ASN A 384 20.88 -26.78 -2.68
C ASN A 384 20.78 -26.26 -4.08
N PHE A 385 19.56 -26.18 -4.60
CA PHE A 385 19.37 -25.67 -5.95
C PHE A 385 19.03 -24.16 -5.86
N MET A 386 18.71 -23.71 -4.65
CA MET A 386 18.32 -22.34 -4.42
C MET A 386 19.36 -21.27 -4.56
N PRO A 387 18.94 -20.11 -5.07
CA PRO A 387 19.77 -18.94 -5.29
C PRO A 387 20.41 -18.44 -4.02
N ILE A 388 21.60 -17.85 -4.20
CA ILE A 388 22.43 -17.29 -3.13
C ILE A 388 23.30 -18.34 -2.47
N VAL B 1 -23.96 5.24 -16.03
CA VAL B 1 -22.97 6.06 -15.27
C VAL B 1 -23.30 7.55 -15.47
N GLU B 2 -22.73 8.39 -14.63
CA GLU B 2 -22.93 9.84 -14.71
C GLU B 2 -21.53 10.41 -14.72
N TYR B 3 -21.40 11.73 -14.91
CA TYR B 3 -20.06 12.32 -14.90
C TYR B 3 -19.65 12.71 -13.51
N ARG B 4 -18.36 12.91 -13.32
CA ARG B 4 -17.87 13.33 -12.03
C ARG B 4 -18.14 14.84 -12.06
N ASN B 5 -18.85 15.34 -11.06
CA ASN B 5 -19.16 16.77 -10.98
C ASN B 5 -18.51 17.35 -9.74
N TRP B 6 -17.78 16.50 -9.02
CA TRP B 6 -17.04 16.80 -7.79
C TRP B 6 -17.66 17.75 -6.73
N SER B 7 -18.98 17.92 -6.71
CA SER B 7 -19.63 18.81 -5.73
C SER B 7 -19.57 18.41 -4.25
N LYS B 8 -18.40 18.10 -3.71
CA LYS B 8 -18.33 17.73 -2.31
C LYS B 8 -17.27 18.52 -1.61
N PRO B 9 -17.55 18.90 -0.36
CA PRO B 9 -16.57 19.67 0.40
C PRO B 9 -15.26 18.87 0.56
N GLN B 10 -14.13 19.54 0.40
CA GLN B 10 -12.82 18.90 0.53
C GLN B 10 -12.72 18.42 1.98
N CYS B 11 -12.20 17.22 2.18
CA CYS B 11 -12.06 16.71 3.54
C CYS B 11 -11.19 17.59 4.41
N GLN B 12 -11.42 17.54 5.71
CA GLN B 12 -10.65 18.34 6.63
C GLN B 12 -9.53 17.45 7.17
N ILE B 13 -8.44 17.38 6.42
CA ILE B 13 -7.31 16.55 6.80
C ILE B 13 -6.39 17.03 7.94
N THR B 14 -5.85 16.07 8.67
CA THR B 14 -4.94 16.22 9.81
C THR B 14 -3.48 15.97 9.40
N GLY B 15 -3.32 15.31 8.26
CA GLY B 15 -1.98 15.01 7.77
C GLY B 15 -2.00 13.93 6.71
N PHE B 16 -0.87 13.25 6.50
CA PHE B 16 -0.82 12.19 5.48
C PHE B 16 -0.42 10.83 5.95
N ALA B 17 -1.19 9.84 5.49
CA ALA B 17 -0.96 8.44 5.83
C ALA B 17 -0.50 7.70 4.57
N PRO B 18 0.22 6.59 4.74
CA PRO B 18 0.73 5.76 3.65
C PRO B 18 -0.37 5.13 2.77
N PHE B 19 -0.08 4.93 1.48
CA PHE B 19 -1.08 4.36 0.57
C PHE B 19 -0.57 3.30 -0.41
N SER B 20 0.52 3.60 -1.11
CA SER B 20 1.08 2.67 -2.08
C SER B 20 2.54 2.88 -2.15
N LYS B 21 3.22 1.98 -2.84
CA LYS B 21 4.66 1.99 -3.06
C LYS B 21 4.84 0.81 -3.99
N ASP B 22 5.74 0.90 -4.97
CA ASP B 22 5.89 -0.25 -5.86
C ASP B 22 7.27 -0.88 -5.95
N ASN B 23 8.24 -0.36 -5.21
CA ASN B 23 9.58 -0.94 -5.24
C ASN B 23 10.18 -1.26 -6.61
N SER B 24 9.61 -0.68 -7.65
CA SER B 24 10.05 -0.90 -9.02
C SER B 24 11.56 -1.01 -9.22
N ILE B 25 12.33 -0.10 -8.66
CA ILE B 25 13.77 -0.20 -8.84
C ILE B 25 14.26 -1.47 -8.14
N ARG B 26 13.84 -1.67 -6.88
CA ARG B 26 14.28 -2.86 -6.15
C ARG B 26 14.05 -4.13 -6.97
N LEU B 27 12.85 -4.26 -7.50
CA LEU B 27 12.47 -5.40 -8.32
C LEU B 27 13.27 -5.47 -9.65
N SER B 28 13.63 -4.30 -10.19
CA SER B 28 14.38 -4.20 -11.45
C SER B 28 15.67 -4.96 -11.50
N ALA B 29 16.26 -5.22 -10.34
CA ALA B 29 17.51 -5.97 -10.31
C ALA B 29 17.21 -7.46 -10.27
N GLY B 30 15.93 -7.81 -10.37
CA GLY B 30 15.55 -9.20 -10.33
C GLY B 30 14.22 -9.46 -11.00
N GLY B 31 13.98 -8.77 -12.13
CA GLY B 31 12.74 -8.95 -12.85
C GLY B 31 12.66 -8.01 -14.05
N ASP B 32 11.89 -8.41 -15.04
CA ASP B 32 11.73 -7.63 -16.26
C ASP B 32 10.76 -6.47 -15.97
N ILE B 33 11.34 -5.41 -15.42
CA ILE B 33 10.59 -4.22 -15.06
C ILE B 33 11.00 -3.11 -16.01
N TRP B 34 10.05 -2.24 -16.35
CA TRP B 34 10.27 -1.12 -17.25
C TRP B 34 11.18 -0.04 -16.69
N VAL B 35 11.58 0.91 -17.55
CA VAL B 35 12.46 2.04 -17.16
C VAL B 35 11.67 3.32 -17.45
N THR B 36 10.90 3.79 -16.48
CA THR B 36 10.09 4.98 -16.64
C THR B 36 10.67 6.27 -16.04
N ARG B 37 9.84 7.30 -16.07
CA ARG B 37 10.13 8.63 -15.54
C ARG B 37 8.89 9.46 -15.62
N GLU B 38 8.90 10.55 -14.85
CA GLU B 38 7.77 11.49 -14.73
C GLU B 38 6.50 10.66 -14.58
N PRO B 39 6.31 10.05 -13.41
CA PRO B 39 5.13 9.22 -13.10
C PRO B 39 3.99 10.06 -12.51
N TYR B 40 2.88 9.41 -12.21
CA TYR B 40 1.72 10.04 -11.60
C TYR B 40 0.65 9.00 -11.36
N VAL B 41 -0.37 9.33 -10.57
CA VAL B 41 -1.42 8.36 -10.34
C VAL B 41 -2.75 9.08 -10.49
N SER B 42 -3.77 8.33 -10.90
CA SER B 42 -5.08 8.88 -11.09
C SER B 42 -6.01 7.70 -10.79
N CYS B 43 -7.29 8.00 -10.61
CA CYS B 43 -8.27 7.00 -10.26
C CYS B 43 -9.59 7.32 -10.93
N ASP B 44 -10.33 6.27 -11.26
CA ASP B 44 -11.65 6.40 -11.84
C ASP B 44 -12.46 6.20 -10.57
N PRO B 45 -13.76 6.45 -10.60
CA PRO B 45 -14.52 6.24 -9.36
C PRO B 45 -14.17 4.97 -8.54
N VAL B 46 -14.14 3.80 -9.18
CA VAL B 46 -13.84 2.55 -8.46
C VAL B 46 -12.39 2.30 -8.00
N LYS B 47 -11.39 2.56 -8.84
CA LYS B 47 -10.03 2.31 -8.41
C LYS B 47 -8.99 3.23 -9.01
N CYS B 48 -7.76 3.10 -8.50
CA CYS B 48 -6.64 3.90 -8.97
C CYS B 48 -5.69 3.13 -9.84
N TYR B 49 -4.90 3.85 -10.63
CA TYR B 49 -3.90 3.30 -11.53
C TYR B 49 -2.72 4.25 -11.40
N GLN B 50 -1.56 3.78 -11.84
CA GLN B 50 -0.34 4.55 -11.79
C GLN B 50 0.22 4.68 -13.20
N PHE B 51 0.52 5.90 -13.59
CA PHE B 51 1.05 6.18 -14.90
C PHE B 51 2.52 6.49 -14.81
N ALA B 52 3.20 6.34 -15.95
CA ALA B 52 4.65 6.59 -16.12
C ALA B 52 5.09 6.50 -17.59
N LEU B 53 5.94 7.42 -17.99
CA LEU B 53 6.46 7.47 -19.34
C LEU B 53 7.68 6.57 -19.40
N GLY B 54 7.51 5.31 -19.79
CA GLY B 54 8.65 4.41 -19.86
C GLY B 54 9.62 4.79 -20.97
N GLN B 55 10.81 4.20 -20.96
CA GLN B 55 11.79 4.50 -21.98
C GLN B 55 11.79 3.49 -23.09
N GLY B 56 10.63 2.86 -23.30
CA GLY B 56 10.51 1.87 -24.34
C GLY B 56 11.50 0.74 -24.13
N THR B 57 11.86 0.50 -22.87
CA THR B 57 12.81 -0.54 -22.54
C THR B 57 12.77 -0.95 -21.05
N THR B 58 13.60 -1.93 -20.71
CA THR B 58 13.73 -2.49 -19.38
C THR B 58 15.14 -2.12 -18.87
N LEU B 59 15.38 -2.18 -17.55
CA LEU B 59 16.70 -1.85 -16.98
C LEU B 59 17.81 -2.78 -17.44
N ASP B 60 17.48 -4.05 -17.66
CA ASP B 60 18.49 -4.99 -18.12
C ASP B 60 18.78 -4.88 -19.59
N ASN B 61 17.92 -4.19 -20.32
CA ASN B 61 18.17 -4.01 -21.74
C ASN B 61 19.34 -3.05 -21.84
N LYS B 62 20.26 -3.32 -22.76
CA LYS B 62 21.40 -2.43 -22.95
C LYS B 62 20.78 -1.13 -23.46
N HIS B 63 19.52 -1.23 -23.89
CA HIS B 63 18.77 -0.10 -24.38
C HIS B 63 18.46 0.87 -23.25
N SER B 64 18.94 0.56 -22.05
CA SER B 64 18.75 1.43 -20.91
C SER B 64 19.84 2.53 -20.91
N ASN B 65 21.04 2.19 -21.40
CA ASN B 65 22.11 3.19 -21.43
C ASN B 65 21.58 4.43 -22.12
N ASP B 66 21.73 5.56 -21.45
CA ASP B 66 21.29 6.88 -21.91
C ASP B 66 19.84 7.24 -21.69
N THR B 67 19.25 6.54 -20.74
CA THR B 67 17.85 6.74 -20.37
C THR B 67 17.63 8.12 -19.73
N VAL B 68 18.68 8.92 -19.65
CA VAL B 68 18.58 10.26 -19.08
C VAL B 68 17.77 11.16 -20.01
N HIS B 69 18.03 11.09 -21.31
CA HIS B 69 17.32 11.90 -22.30
C HIS B 69 15.83 11.93 -22.02
N ASP B 70 15.26 13.13 -22.09
CA ASP B 70 13.84 13.34 -21.83
C ASP B 70 12.81 12.93 -22.87
N ARG B 71 13.15 12.99 -24.14
CA ARG B 71 12.18 12.64 -25.18
C ARG B 71 12.72 11.82 -26.33
N ILE B 72 12.29 10.57 -26.44
CA ILE B 72 12.75 9.74 -27.56
C ILE B 72 11.45 9.23 -28.14
N PRO B 73 11.43 8.93 -29.45
CA PRO B 73 10.19 8.44 -30.06
C PRO B 73 9.60 7.20 -29.38
N HIS B 74 10.41 6.52 -28.56
CA HIS B 74 9.99 5.32 -27.84
C HIS B 74 9.29 5.47 -26.48
N ARG B 75 9.21 6.69 -25.95
CA ARG B 75 8.54 6.87 -24.67
C ARG B 75 7.04 6.69 -24.89
N THR B 76 6.49 5.69 -24.21
CA THR B 76 5.08 5.32 -24.28
C THR B 76 4.50 5.45 -22.85
N LEU B 77 3.23 5.81 -22.75
CA LEU B 77 2.56 5.98 -21.46
C LEU B 77 2.05 4.63 -20.92
N LEU B 78 2.65 4.17 -19.83
CA LEU B 78 2.29 2.91 -19.21
C LEU B 78 1.17 3.16 -18.23
N MET B 79 0.37 2.14 -17.97
CA MET B 79 -0.74 2.29 -17.05
C MET B 79 -1.10 1.02 -16.26
N ASN B 80 -0.74 0.96 -14.98
CA ASN B 80 -1.08 -0.22 -14.18
C ASN B 80 -2.02 0.16 -13.06
N GLU B 81 -2.58 -0.86 -12.42
CA GLU B 81 -3.49 -0.65 -11.30
C GLU B 81 -2.52 -0.15 -10.23
N LEU B 82 -3.01 0.69 -9.35
CA LEU B 82 -2.13 1.19 -8.31
C LEU B 82 -1.53 0.08 -7.42
N GLY B 83 -0.24 -0.19 -7.59
CA GLY B 83 0.39 -1.20 -6.76
C GLY B 83 1.09 -2.32 -7.49
N VAL B 84 0.84 -2.44 -8.79
CA VAL B 84 1.48 -3.48 -9.58
C VAL B 84 2.51 -2.85 -10.49
N PRO B 85 3.79 -3.24 -10.33
CA PRO B 85 4.90 -2.71 -11.13
C PRO B 85 4.76 -2.85 -12.63
N PHE B 86 5.57 -2.07 -13.33
CA PHE B 86 5.59 -2.06 -14.76
C PHE B 86 6.41 -3.24 -15.29
N HIS B 87 5.76 -4.39 -15.30
CA HIS B 87 6.35 -5.65 -15.77
C HIS B 87 5.88 -5.82 -17.23
N LEU B 88 6.64 -6.59 -18.04
CA LEU B 88 6.31 -6.81 -19.46
C LEU B 88 4.82 -6.91 -19.84
N GLY B 89 3.96 -7.23 -18.87
CA GLY B 89 2.54 -7.34 -19.13
C GLY B 89 1.78 -6.04 -19.06
N THR B 90 2.52 -4.93 -18.92
CA THR B 90 1.96 -3.58 -18.84
C THR B 90 1.56 -3.03 -20.21
N ARG B 91 0.41 -2.38 -20.29
CA ARG B 91 -0.03 -1.82 -21.56
C ARG B 91 0.50 -0.43 -21.81
N GLN B 92 1.02 -0.22 -23.03
CA GLN B 92 1.55 1.09 -23.43
C GLN B 92 0.33 1.83 -24.00
N VAL B 93 -0.46 2.52 -23.17
CA VAL B 93 -1.66 3.18 -23.67
C VAL B 93 -1.57 4.11 -24.87
N CYS B 94 -0.36 4.58 -25.21
CA CYS B 94 -0.18 5.49 -26.35
C CYS B 94 1.26 5.91 -26.41
N ILE B 95 1.64 6.61 -27.49
CA ILE B 95 3.01 7.11 -27.68
C ILE B 95 3.04 8.53 -27.08
N ALA B 96 3.96 8.75 -26.14
CA ALA B 96 4.04 10.05 -25.49
C ALA B 96 5.22 10.28 -24.53
N TRP B 97 5.89 11.41 -24.72
CA TRP B 97 7.01 11.82 -23.87
C TRP B 97 6.58 12.89 -22.87
N SER B 98 5.28 13.11 -22.79
CA SER B 98 4.72 14.10 -21.88
C SER B 98 3.23 13.81 -21.92
N SER B 99 2.57 13.72 -20.77
CA SER B 99 1.13 13.42 -20.78
C SER B 99 0.25 13.91 -19.62
N SER B 100 -0.96 13.40 -19.56
CA SER B 100 -1.91 13.74 -18.51
C SER B 100 -3.17 12.97 -18.77
N SER B 101 -3.62 12.20 -17.81
CA SER B 101 -4.84 11.45 -18.02
C SER B 101 -5.82 11.77 -16.90
N CYS B 102 -7.10 11.74 -17.21
CA CYS B 102 -8.13 11.99 -16.22
C CYS B 102 -9.28 11.15 -16.65
N HIS B 103 -10.26 10.99 -15.79
CA HIS B 103 -11.40 10.17 -16.10
C HIS B 103 -12.66 10.97 -15.80
N ASP B 104 -13.26 11.50 -16.86
CA ASP B 104 -14.47 12.31 -16.77
C ASP B 104 -15.59 11.71 -15.92
N GLY B 105 -15.48 10.41 -15.66
CA GLY B 105 -16.49 9.74 -14.88
C GLY B 105 -17.21 8.68 -15.71
N LYS B 106 -16.82 8.56 -16.97
CA LYS B 106 -17.42 7.58 -17.85
C LYS B 106 -16.34 6.80 -18.60
N ALA B 107 -15.21 7.43 -18.86
CA ALA B 107 -14.12 6.79 -19.58
C ALA B 107 -12.86 7.59 -19.33
N TRP B 108 -11.73 7.15 -19.85
CA TRP B 108 -10.46 7.86 -19.67
C TRP B 108 -10.12 8.76 -20.84
N LEU B 109 -9.36 9.82 -20.56
CA LEU B 109 -8.91 10.79 -21.54
C LEU B 109 -7.39 10.73 -21.38
N HIS B 110 -6.65 10.68 -22.47
CA HIS B 110 -5.22 10.63 -22.36
C HIS B 110 -4.53 11.60 -23.28
N VAL B 111 -3.99 12.68 -22.71
CA VAL B 111 -3.30 13.67 -23.52
C VAL B 111 -1.90 13.10 -23.71
N CYS B 112 -1.62 12.59 -24.90
CA CYS B 112 -0.33 11.98 -25.16
C CYS B 112 0.43 12.88 -26.13
N ILE B 113 1.71 13.13 -25.87
CA ILE B 113 2.54 13.98 -26.74
C ILE B 113 3.88 13.43 -27.26
N THR B 114 4.06 13.36 -28.58
CA THR B 114 5.32 12.88 -29.19
C THR B 114 5.69 13.65 -30.43
N GLY B 115 6.89 13.38 -30.93
CA GLY B 115 7.33 14.05 -32.12
C GLY B 115 8.48 14.98 -31.90
N ASP B 116 8.89 15.68 -32.95
CA ASP B 116 10.00 16.62 -32.89
C ASP B 116 9.67 17.68 -31.89
N ASP B 117 10.70 18.17 -31.20
CA ASP B 117 10.57 19.22 -30.19
C ASP B 117 10.04 20.41 -30.96
N LYS B 118 10.73 20.72 -32.04
CA LYS B 118 10.34 21.82 -32.87
C LYS B 118 8.88 21.66 -33.29
N ASN B 119 8.51 20.53 -33.87
CA ASN B 119 7.13 20.36 -34.27
C ASN B 119 6.53 19.01 -33.83
N ALA B 120 5.96 19.01 -32.63
CA ALA B 120 5.35 17.83 -32.03
C ALA B 120 3.84 17.89 -32.13
N THR B 121 3.18 16.76 -31.87
CA THR B 121 1.74 16.74 -31.92
C THR B 121 1.22 16.25 -30.58
N ALA B 122 -0.08 16.38 -30.38
CA ALA B 122 -0.69 15.96 -29.15
C ALA B 122 -1.96 15.22 -29.47
N SER B 123 -1.95 13.90 -29.24
CA SER B 123 -3.13 13.08 -29.49
C SER B 123 -4.02 13.04 -28.26
N PHE B 124 -5.31 13.18 -28.51
CA PHE B 124 -6.32 13.15 -27.47
C PHE B 124 -7.11 11.85 -27.62
N ILE B 125 -6.60 10.79 -27.00
CA ILE B 125 -7.25 9.48 -27.05
C ILE B 125 -8.26 9.45 -25.94
N TYR B 126 -9.53 9.25 -26.30
CA TYR B 126 -10.59 9.20 -25.31
C TYR B 126 -11.41 7.98 -25.59
N ASP B 127 -11.71 7.24 -24.54
CA ASP B 127 -12.47 6.03 -24.64
C ASP B 127 -11.80 5.09 -25.64
N GLY B 128 -10.50 4.93 -25.46
CA GLY B 128 -9.72 4.06 -26.30
C GLY B 128 -9.43 4.54 -27.70
N ARG B 129 -10.34 5.35 -28.24
CA ARG B 129 -10.17 5.88 -29.60
C ARG B 129 -9.64 7.33 -29.72
N LEU B 130 -8.86 7.62 -30.78
CA LEU B 130 -8.30 8.97 -30.98
C LEU B 130 -9.40 9.88 -31.49
N VAL B 131 -9.81 10.80 -30.63
CA VAL B 131 -10.89 11.75 -30.94
C VAL B 131 -10.45 13.07 -31.57
N ASP B 132 -9.26 13.54 -31.21
CA ASP B 132 -8.81 14.80 -31.76
C ASP B 132 -7.33 14.86 -31.60
N SER B 133 -6.75 15.99 -31.96
CA SER B 133 -5.33 16.22 -31.86
C SER B 133 -5.12 17.70 -32.04
N ILE B 134 -3.90 18.11 -31.77
CA ILE B 134 -3.53 19.50 -31.88
C ILE B 134 -2.03 19.47 -32.13
N GLY B 135 -1.50 20.52 -32.76
CA GLY B 135 -0.07 20.55 -33.05
C GLY B 135 0.62 21.67 -32.30
N SER B 136 1.94 21.61 -32.30
CA SER B 136 2.77 22.59 -31.62
C SER B 136 2.59 24.01 -32.09
N TRP B 137 2.21 24.92 -31.18
CA TRP B 137 2.02 26.32 -31.54
C TRP B 137 3.26 27.21 -31.53
N SER B 138 4.10 27.09 -30.51
CA SER B 138 5.29 27.92 -30.49
C SER B 138 6.47 27.15 -31.02
N GLN B 139 6.22 26.03 -31.67
CA GLN B 139 7.29 25.21 -32.24
C GLN B 139 8.48 25.00 -31.30
N ASN B 140 8.17 24.70 -30.04
CA ASN B 140 9.17 24.47 -28.99
C ASN B 140 8.67 23.55 -27.84
N ILE B 141 9.00 22.26 -27.95
CA ILE B 141 8.64 21.22 -26.98
C ILE B 141 7.28 21.35 -26.29
N LEU B 142 6.22 21.24 -27.10
CA LEU B 142 4.84 21.34 -26.63
C LEU B 142 4.75 20.31 -25.54
N ARG B 143 4.53 20.77 -24.31
CA ARG B 143 4.44 19.88 -23.16
C ARG B 143 3.17 20.07 -22.39
N THR B 144 3.02 19.26 -21.34
CA THR B 144 1.83 19.35 -20.48
C THR B 144 2.19 19.04 -19.00
N GLN B 145 1.16 18.74 -18.20
CA GLN B 145 1.29 18.46 -16.78
C GLN B 145 2.22 17.35 -16.20
N GLU B 146 2.12 16.12 -16.72
CA GLU B 146 2.89 14.95 -16.24
C GLU B 146 2.21 14.61 -14.91
N SER B 147 0.92 14.91 -14.87
CA SER B 147 0.04 14.70 -13.75
C SER B 147 -1.35 14.50 -14.35
N GLU B 148 -2.35 14.33 -13.51
CA GLU B 148 -3.67 14.13 -14.05
C GLU B 148 -4.53 15.36 -14.25
N CYS B 149 -5.13 15.46 -15.43
CA CYS B 149 -6.03 16.56 -15.76
C CYS B 149 -7.27 16.31 -14.89
N VAL B 150 -8.22 17.26 -14.86
CA VAL B 150 -9.45 17.08 -14.05
C VAL B 150 -10.65 17.44 -14.90
N CYS B 151 -11.78 16.79 -14.62
CA CYS B 151 -13.01 16.99 -15.36
C CYS B 151 -14.19 17.32 -14.44
N ILE B 152 -15.07 18.19 -14.93
CA ILE B 152 -16.25 18.57 -14.18
C ILE B 152 -17.43 18.61 -15.16
N ASN B 153 -18.37 17.67 -14.99
CA ASN B 153 -19.58 17.52 -15.80
C ASN B 153 -19.46 17.10 -17.25
N GLY B 154 -18.25 16.76 -17.70
CA GLY B 154 -18.10 16.36 -19.09
C GLY B 154 -16.92 17.03 -19.75
N THR B 155 -16.50 18.18 -19.24
CA THR B 155 -15.37 18.90 -19.81
C THR B 155 -14.13 18.61 -18.97
N CYS B 156 -13.01 18.30 -19.61
CA CYS B 156 -11.80 18.00 -18.89
C CYS B 156 -10.79 19.05 -19.27
N THR B 157 -10.16 19.69 -18.30
CA THR B 157 -9.20 20.73 -18.64
C THR B 157 -7.74 20.43 -18.37
N VAL B 158 -6.95 20.44 -19.44
CA VAL B 158 -5.53 20.18 -19.31
C VAL B 158 -4.84 21.50 -19.66
N VAL B 159 -3.83 21.91 -18.91
CA VAL B 159 -3.14 23.16 -19.25
C VAL B 159 -1.81 22.74 -19.87
N MET B 160 -1.55 23.22 -21.06
CA MET B 160 -0.32 22.86 -21.73
C MET B 160 0.46 24.13 -21.99
N THR B 161 1.72 23.95 -22.36
CA THR B 161 2.62 25.06 -22.65
C THR B 161 3.46 24.65 -23.85
N ASP B 162 4.11 25.64 -24.46
CA ASP B 162 4.95 25.45 -25.62
C ASP B 162 5.65 26.83 -25.69
N GLY B 163 6.98 26.87 -25.53
CA GLY B 163 7.65 28.16 -25.59
C GLY B 163 9.17 28.32 -25.39
N SER B 164 9.65 28.09 -24.16
CA SER B 164 11.05 28.24 -23.84
C SER B 164 11.22 27.88 -22.37
N ALA B 165 12.06 26.87 -22.10
CA ALA B 165 12.32 26.41 -20.73
C ALA B 165 12.49 27.58 -19.78
N SER B 166 13.54 28.36 -20.01
CA SER B 166 13.88 29.54 -19.22
C SER B 166 13.60 30.74 -20.11
N GLY B 167 12.32 31.12 -20.18
CA GLY B 167 11.96 32.26 -21.01
C GLY B 167 10.47 32.27 -21.21
N ARG B 168 9.97 33.38 -21.76
CA ARG B 168 8.54 33.50 -22.00
C ARG B 168 7.94 32.40 -22.87
N ALA B 169 7.04 31.65 -22.27
CA ALA B 169 6.37 30.58 -22.98
C ALA B 169 4.91 30.95 -23.23
N ASP B 170 4.32 30.26 -24.19
CA ASP B 170 2.93 30.48 -24.54
C ASP B 170 2.18 29.33 -23.86
N THR B 171 1.58 29.60 -22.71
CA THR B 171 0.85 28.57 -21.99
C THR B 171 -0.60 28.80 -22.29
N ARG B 172 -1.38 27.73 -22.44
CA ARG B 172 -2.80 27.87 -22.73
C ARG B 172 -3.48 26.72 -22.05
N ILE B 173 -4.80 26.77 -21.97
CA ILE B 173 -5.56 25.71 -21.32
C ILE B 173 -6.63 25.19 -22.26
N LEU B 174 -6.58 23.90 -22.59
CA LEU B 174 -7.58 23.32 -23.48
C LEU B 174 -8.69 22.79 -22.64
N PHE B 175 -9.87 22.72 -23.25
CA PHE B 175 -11.08 22.23 -22.62
C PHE B 175 -11.63 21.08 -23.47
N ILE B 176 -10.82 20.02 -23.57
CA ILE B 176 -11.17 18.84 -24.32
C ILE B 176 -12.38 18.27 -23.64
N GLU B 177 -13.49 18.25 -24.36
CA GLU B 177 -14.74 17.78 -23.81
C GLU B 177 -15.19 16.47 -24.44
N GLU B 178 -14.68 15.36 -23.90
CA GLU B 178 -14.98 14.00 -24.39
C GLU B 178 -14.13 13.75 -25.65
N GLY B 179 -12.81 13.88 -25.47
CA GLY B 179 -11.88 13.69 -26.56
C GLY B 179 -11.64 14.90 -27.46
N LYS B 180 -12.71 15.60 -27.83
CA LYS B 180 -12.63 16.76 -28.72
C LYS B 180 -12.47 18.08 -27.95
N ILE B 181 -11.44 18.83 -28.31
CA ILE B 181 -11.11 20.14 -27.71
C ILE B 181 -12.22 21.17 -28.01
N VAL B 182 -13.09 21.42 -27.04
CA VAL B 182 -14.18 22.38 -27.26
C VAL B 182 -13.85 23.85 -27.02
N HIS B 183 -12.61 24.19 -26.70
CA HIS B 183 -12.26 25.58 -26.47
C HIS B 183 -10.84 25.63 -25.98
N ILE B 184 -10.18 26.78 -26.19
CA ILE B 184 -8.80 26.97 -25.77
C ILE B 184 -8.72 28.39 -25.25
N SER B 185 -8.09 28.57 -24.11
CA SER B 185 -7.96 29.90 -23.51
C SER B 185 -6.53 30.16 -23.11
N PRO B 186 -5.97 31.29 -23.56
CA PRO B 186 -4.58 31.61 -23.23
C PRO B 186 -4.51 31.95 -21.73
N LEU B 187 -3.35 31.73 -21.14
CA LEU B 187 -3.16 32.01 -19.73
C LEU B 187 -3.35 33.49 -19.38
N ALA B 188 -4.16 33.73 -18.35
CA ALA B 188 -4.43 35.07 -17.89
C ALA B 188 -3.59 35.31 -16.62
N GLY B 189 -4.07 36.15 -15.70
CA GLY B 189 -3.37 36.44 -14.46
C GLY B 189 -1.90 36.85 -14.56
N SER B 190 -1.28 36.97 -13.38
CA SER B 190 0.11 37.38 -13.19
C SER B 190 1.25 36.41 -13.47
N ALA B 191 1.03 35.13 -13.18
CA ALA B 191 2.02 34.07 -13.39
C ALA B 191 3.01 34.31 -14.57
N GLN B 192 4.29 34.11 -14.32
CA GLN B 192 5.34 34.32 -15.34
C GLN B 192 5.91 33.15 -16.11
N HIS B 193 5.43 31.93 -15.84
CA HIS B 193 5.95 30.76 -16.54
C HIS B 193 5.40 29.47 -15.99
N VAL B 194 4.20 29.11 -16.44
CA VAL B 194 3.58 27.89 -16.01
C VAL B 194 4.13 26.70 -16.76
N GLU B 195 4.54 25.70 -15.97
CA GLU B 195 5.11 24.45 -16.45
C GLU B 195 4.53 23.34 -15.60
N GLU B 196 4.36 22.17 -16.21
CA GLU B 196 3.85 20.94 -15.58
C GLU B 196 2.98 21.08 -14.32
N CYS B 197 1.77 21.54 -14.53
CA CYS B 197 0.85 21.74 -13.45
C CYS B 197 0.33 20.50 -12.76
N SER B 198 -0.01 20.71 -11.48
CA SER B 198 -0.57 19.72 -10.59
C SER B 198 -1.95 20.34 -10.35
N CYS B 199 -2.98 19.80 -10.99
CA CYS B 199 -4.30 20.36 -10.84
C CYS B 199 -5.26 19.55 -9.98
N TYR B 200 -6.31 20.21 -9.48
CA TYR B 200 -7.29 19.55 -8.63
C TYR B 200 -8.63 20.25 -8.64
N PRO B 201 -9.74 19.48 -8.54
CA PRO B 201 -11.08 20.05 -8.54
C PRO B 201 -11.33 20.91 -7.32
N ARG B 202 -11.94 22.07 -7.54
CA ARG B 202 -12.26 23.02 -6.49
C ARG B 202 -13.66 23.48 -6.90
N TYR B 203 -14.60 22.55 -6.96
CA TYR B 203 -15.95 22.90 -7.38
C TYR B 203 -16.35 24.38 -7.16
N PRO B 204 -16.87 25.04 -8.21
CA PRO B 204 -17.10 24.55 -9.57
C PRO B 204 -15.92 24.81 -10.48
N GLY B 205 -14.74 24.96 -9.92
CA GLY B 205 -13.59 25.23 -10.76
C GLY B 205 -12.44 24.24 -10.60
N VAL B 206 -11.29 24.57 -11.17
CA VAL B 206 -10.12 23.72 -11.09
C VAL B 206 -8.91 24.61 -10.69
N ARG B 207 -8.08 24.15 -9.77
CA ARG B 207 -6.93 24.96 -9.35
C ARG B 207 -5.61 24.22 -9.59
N CYS B 208 -4.57 24.94 -9.99
CA CYS B 208 -3.30 24.31 -10.29
C CYS B 208 -2.03 24.95 -9.69
N ILE B 209 -1.33 24.25 -8.81
CA ILE B 209 -0.10 24.85 -8.29
C ILE B 209 0.87 24.24 -9.29
N CYS B 210 1.56 25.09 -10.02
CA CYS B 210 2.47 24.59 -11.04
C CYS B 210 3.93 24.80 -10.73
N ARG B 211 4.71 24.89 -11.80
CA ARG B 211 6.15 25.10 -11.73
C ARG B 211 6.47 26.49 -12.32
N ASP B 212 7.75 26.84 -12.34
CA ASP B 212 8.22 28.10 -12.86
C ASP B 212 9.74 27.94 -12.97
N ASN B 213 10.12 27.60 -14.21
CA ASN B 213 11.49 27.37 -14.62
C ASN B 213 12.19 28.67 -14.93
N TRP B 214 11.43 29.75 -15.01
CA TRP B 214 12.02 31.04 -15.33
C TRP B 214 12.70 31.81 -14.21
N LYS B 215 11.91 32.41 -13.32
CA LYS B 215 12.52 33.20 -12.25
C LYS B 215 11.74 33.26 -10.94
N GLY B 216 11.39 32.08 -10.45
CA GLY B 216 10.64 31.93 -9.22
C GLY B 216 10.83 30.54 -8.62
N SER B 217 10.80 30.52 -7.28
CA SER B 217 10.93 29.32 -6.48
C SER B 217 9.55 29.13 -5.87
N ASN B 218 8.81 30.22 -5.72
CA ASN B 218 7.47 30.16 -5.18
C ASN B 218 6.60 29.61 -6.29
N ARG B 219 5.64 28.78 -5.95
CA ARG B 219 4.81 28.19 -6.97
C ARG B 219 3.64 28.95 -7.59
N PRO B 220 3.56 28.92 -8.93
CA PRO B 220 2.53 29.55 -9.73
C PRO B 220 1.18 28.91 -9.39
N VAL B 221 0.09 29.61 -9.66
CA VAL B 221 -1.23 29.08 -9.37
C VAL B 221 -2.09 29.48 -10.55
N VAL B 222 -2.71 28.50 -11.21
CA VAL B 222 -3.55 28.79 -12.35
C VAL B 222 -4.99 28.34 -12.12
N ASP B 223 -5.88 29.29 -11.87
CA ASP B 223 -7.28 28.95 -11.65
C ASP B 223 -8.12 29.04 -12.93
N ILE B 224 -8.81 27.94 -13.23
CA ILE B 224 -9.65 27.84 -14.40
C ILE B 224 -11.10 27.79 -13.95
N ASN B 225 -11.92 28.69 -14.48
CA ASN B 225 -13.33 28.73 -14.12
C ASN B 225 -14.00 27.84 -15.14
N MET B 226 -14.68 26.81 -14.66
CA MET B 226 -15.32 25.89 -15.58
C MET B 226 -16.53 26.52 -16.22
N GLU B 227 -17.17 27.41 -15.49
CA GLU B 227 -18.37 28.06 -15.99
C GLU B 227 -18.22 28.82 -17.30
N ASP B 228 -17.23 29.71 -17.40
CA ASP B 228 -17.07 30.48 -18.62
C ASP B 228 -15.78 30.31 -19.43
N TYR B 229 -15.01 29.26 -19.12
CA TYR B 229 -13.75 29.00 -19.82
C TYR B 229 -12.64 29.99 -19.50
N SER B 230 -12.89 30.89 -18.55
CA SER B 230 -11.91 31.91 -18.16
C SER B 230 -10.64 31.34 -17.51
N ILE B 231 -9.77 32.25 -17.10
CA ILE B 231 -8.52 31.87 -16.47
C ILE B 231 -8.10 33.04 -15.61
N ASP B 232 -7.27 32.75 -14.63
CA ASP B 232 -6.73 33.72 -13.71
C ASP B 232 -5.45 33.04 -13.26
N SER B 233 -4.52 33.79 -12.69
CA SER B 233 -3.28 33.17 -12.22
C SER B 233 -2.60 34.08 -11.22
N SER B 234 -1.66 33.51 -10.47
CA SER B 234 -0.92 34.23 -9.44
C SER B 234 0.16 33.29 -8.96
N TYR B 235 0.61 33.48 -7.71
CA TYR B 235 1.65 32.67 -7.09
C TYR B 235 1.20 32.41 -5.66
N VAL B 236 1.76 31.37 -5.04
CA VAL B 236 1.37 31.05 -3.67
C VAL B 236 1.93 32.10 -2.73
N CYS B 237 1.14 32.41 -1.71
CA CYS B 237 1.53 33.39 -0.73
C CYS B 237 2.67 32.92 0.17
N SER B 238 2.74 31.61 0.40
CA SER B 238 3.77 31.02 1.25
C SER B 238 5.18 31.60 1.18
N GLY B 239 5.73 31.85 2.36
CA GLY B 239 7.06 32.40 2.48
C GLY B 239 8.04 31.26 2.51
N LEU B 240 7.58 30.07 2.94
CA LEU B 240 8.43 28.90 2.99
C LEU B 240 8.84 28.67 1.55
N VAL B 241 7.85 28.63 0.65
CA VAL B 241 8.14 28.45 -0.78
C VAL B 241 8.62 27.03 -1.11
N GLY B 242 8.08 26.47 -2.19
CA GLY B 242 8.48 25.11 -2.52
C GLY B 242 8.73 24.66 -3.95
N ASP B 243 9.97 24.86 -4.39
CA ASP B 243 10.41 24.48 -5.72
C ASP B 243 11.80 24.03 -5.37
N THR B 244 12.68 23.90 -6.35
CA THR B 244 14.05 23.47 -6.11
C THR B 244 14.85 23.64 -7.38
N PRO B 245 15.95 24.41 -7.30
CA PRO B 245 16.38 25.02 -6.03
C PRO B 245 15.60 26.27 -5.63
N ARG B 246 15.77 26.64 -4.37
CA ARG B 246 15.15 27.79 -3.76
C ARG B 246 16.18 28.38 -2.76
N ASN B 247 15.92 29.55 -2.21
CA ASN B 247 16.88 30.14 -1.29
C ASN B 247 17.14 29.40 0.02
N ASP B 248 16.17 29.48 0.94
CA ASP B 248 16.21 28.81 2.25
C ASP B 248 15.26 29.54 3.15
N ASP B 249 14.44 28.76 3.87
CA ASP B 249 13.43 29.27 4.80
C ASP B 249 13.57 30.66 5.36
N ARG B 250 14.74 30.96 5.89
CA ARG B 250 14.99 32.28 6.48
C ARG B 250 14.99 33.36 5.41
N SER B 251 15.78 33.16 4.38
CA SER B 251 15.88 34.13 3.31
C SER B 251 15.03 33.96 2.04
N SER B 252 13.94 33.18 2.09
CA SER B 252 13.08 32.98 0.90
C SER B 252 11.85 33.86 1.05
N ASN B 253 11.23 34.25 -0.07
CA ASN B 253 10.05 35.12 0.03
C ASN B 253 9.09 34.85 -1.10
N SER B 254 7.95 35.53 -1.07
CA SER B 254 6.89 35.39 -2.07
C SER B 254 5.81 36.38 -1.63
N ASN B 255 5.03 36.90 -2.58
CA ASN B 255 3.99 37.86 -2.28
C ASN B 255 2.68 37.53 -2.99
N CYS B 256 2.58 36.28 -3.43
CA CYS B 256 1.41 35.76 -4.16
C CYS B 256 1.20 36.48 -5.50
N ARG B 257 2.00 37.49 -5.78
CA ARG B 257 1.83 38.27 -7.00
C ARG B 257 2.87 38.10 -8.10
N ASP B 258 4.14 38.07 -7.73
CA ASP B 258 5.19 37.96 -8.74
C ASP B 258 6.25 36.88 -8.50
N PRO B 259 7.02 36.53 -9.56
CA PRO B 259 8.06 35.51 -9.35
C PRO B 259 9.03 36.13 -8.35
N ASN B 260 9.45 35.36 -7.36
CA ASN B 260 10.36 35.91 -6.37
C ASN B 260 11.77 36.21 -6.88
N ASN B 261 12.13 35.65 -8.02
CA ASN B 261 13.46 35.84 -8.60
C ASN B 261 14.51 35.41 -7.58
N GLU B 262 14.26 34.28 -6.92
CA GLU B 262 15.16 33.77 -5.90
C GLU B 262 15.60 32.37 -6.31
N ARG B 263 16.55 32.30 -7.23
CA ARG B 263 17.07 31.01 -7.77
C ARG B 263 16.08 30.38 -8.77
N GLY B 264 15.08 31.18 -9.13
CA GLY B 264 14.01 30.83 -10.06
C GLY B 264 14.24 29.97 -11.28
N THR B 265 15.21 30.33 -12.11
CA THR B 265 15.51 29.54 -13.28
C THR B 265 15.86 28.27 -12.57
N GLN B 266 14.91 27.34 -12.62
CA GLN B 266 15.05 26.05 -11.96
C GLN B 266 13.62 25.55 -11.78
N GLY B 267 13.51 24.29 -11.41
CA GLY B 267 12.21 23.72 -11.17
C GLY B 267 12.20 22.23 -10.98
N VAL B 268 11.02 21.76 -10.62
CA VAL B 268 10.73 20.37 -10.39
C VAL B 268 9.23 20.43 -10.23
N LYS B 269 8.52 19.41 -10.73
CA LYS B 269 7.07 19.42 -10.61
C LYS B 269 6.68 19.27 -9.15
N GLY B 270 5.88 20.19 -8.66
CA GLY B 270 5.46 20.12 -7.28
C GLY B 270 3.98 20.20 -7.17
N TRP B 271 3.46 20.30 -5.92
CA TRP B 271 2.01 20.39 -5.68
C TRP B 271 1.71 21.15 -4.37
N ALA B 272 0.44 21.42 -4.13
CA ALA B 272 -0.02 22.14 -2.94
C ALA B 272 -1.53 22.38 -3.02
N PHE B 273 -2.13 22.72 -1.89
CA PHE B 273 -3.54 23.02 -1.90
C PHE B 273 -3.96 23.87 -0.74
N ASP B 274 -4.99 24.68 -0.98
CA ASP B 274 -5.48 25.54 0.05
C ASP B 274 -6.30 24.76 1.07
N ASN B 275 -6.90 25.51 1.98
CA ASN B 275 -7.74 25.00 3.04
C ASN B 275 -7.88 26.24 3.89
N GLY B 276 -8.98 26.95 3.70
CA GLY B 276 -9.19 28.17 4.46
C GLY B 276 -8.09 29.12 4.00
N ASN B 277 -7.39 29.74 4.93
CA ASN B 277 -6.34 30.65 4.55
C ASN B 277 -5.00 29.92 4.53
N ASP B 278 -5.02 28.64 4.91
CA ASP B 278 -3.83 27.79 4.97
C ASP B 278 -3.48 27.07 3.70
N LEU B 279 -2.26 26.54 3.67
CA LEU B 279 -1.77 25.83 2.49
C LEU B 279 -1.04 24.51 2.76
N TRP B 280 -1.66 23.38 2.41
CA TRP B 280 -1.00 22.09 2.59
C TRP B 280 -0.01 22.04 1.44
N MET B 281 1.23 21.67 1.71
CA MET B 281 2.18 21.63 0.63
C MET B 281 3.32 20.72 0.94
N GLY B 282 4.16 20.46 -0.05
CA GLY B 282 5.30 19.59 0.17
C GLY B 282 6.39 19.94 -0.81
N ARG B 283 7.63 19.81 -0.36
CA ARG B 283 8.80 20.09 -1.18
C ARG B 283 9.91 19.15 -0.78
N THR B 284 11.03 19.21 -1.49
CA THR B 284 12.17 18.35 -1.19
C THR B 284 12.77 18.87 0.12
N ILE B 285 13.31 17.99 0.94
CA ILE B 285 13.89 18.46 2.18
C ILE B 285 15.12 19.30 1.82
N SER B 286 15.77 18.98 0.69
CA SER B 286 16.94 19.74 0.23
C SER B 286 16.48 20.92 -0.60
N LYS B 287 17.18 22.04 -0.53
CA LYS B 287 16.77 23.20 -1.32
C LYS B 287 17.59 23.45 -2.59
N ASP B 288 18.61 22.62 -2.82
CA ASP B 288 19.47 22.71 -4.01
C ASP B 288 19.29 21.48 -4.92
N LEU B 289 19.26 20.33 -4.27
CA LEU B 289 19.09 19.04 -4.93
C LEU B 289 17.73 18.47 -4.61
N ARG B 290 17.33 17.44 -5.36
CA ARG B 290 16.04 16.77 -5.17
C ARG B 290 15.96 15.73 -4.05
N SER B 291 16.98 15.65 -3.20
CA SER B 291 16.99 14.71 -2.08
C SER B 291 15.89 14.93 -1.07
N GLY B 292 15.38 13.82 -0.55
CA GLY B 292 14.32 13.83 0.44
C GLY B 292 13.07 14.58 0.05
N TYR B 293 12.02 14.43 0.85
CA TYR B 293 10.78 15.12 0.59
C TYR B 293 10.00 15.23 1.90
N GLU B 294 9.49 16.44 2.16
CA GLU B 294 8.73 16.78 3.36
C GLU B 294 7.40 17.37 2.96
N THR B 295 6.52 17.51 3.93
CA THR B 295 5.20 18.08 3.74
C THR B 295 4.93 18.78 5.05
N PHE B 296 4.02 19.74 5.05
CA PHE B 296 3.67 20.48 6.24
C PHE B 296 2.54 21.41 5.94
N LYS B 297 2.03 22.04 6.98
CA LYS B 297 0.94 22.98 6.84
C LYS B 297 1.43 24.37 7.21
N VAL B 298 1.27 25.31 6.28
CA VAL B 298 1.68 26.70 6.51
C VAL B 298 0.40 27.45 6.89
N ILE B 299 0.30 27.82 8.15
CA ILE B 299 -0.87 28.55 8.62
C ILE B 299 -0.79 29.89 7.92
N GLY B 300 -1.82 30.19 7.16
CA GLY B 300 -1.87 31.45 6.44
C GLY B 300 -1.32 31.38 5.02
N GLY B 301 -0.38 30.47 4.80
CA GLY B 301 0.24 30.32 3.49
C GLY B 301 -0.63 30.57 2.27
N TRP B 302 -1.92 30.37 2.35
CA TRP B 302 -2.73 30.62 1.18
C TRP B 302 -3.06 32.08 0.92
N SER B 303 -3.69 32.71 1.91
CA SER B 303 -4.12 34.11 1.81
C SER B 303 -3.23 35.26 2.29
N THR B 304 -2.08 34.97 2.88
CA THR B 304 -1.23 36.07 3.35
C THR B 304 0.18 36.06 2.82
N PRO B 305 0.58 37.16 2.20
CA PRO B 305 1.94 37.21 1.64
C PRO B 305 3.00 36.76 2.60
N ASN B 306 4.06 36.24 1.99
CA ASN B 306 5.27 35.74 2.64
C ASN B 306 5.08 35.22 4.06
N SER B 307 4.19 34.24 4.25
CA SER B 307 3.96 33.64 5.56
C SER B 307 4.94 32.48 5.75
N LYS B 308 5.63 32.43 6.88
CA LYS B 308 6.57 31.34 7.10
C LYS B 308 6.17 30.54 8.34
N SER B 309 4.92 30.71 8.76
CA SER B 309 4.41 30.01 9.92
C SER B 309 4.07 28.59 9.50
N GLN B 310 4.99 27.67 9.74
CA GLN B 310 4.79 26.26 9.38
C GLN B 310 4.16 25.48 10.50
N ILE B 311 3.69 24.26 10.20
CA ILE B 311 3.08 23.35 11.17
C ILE B 311 2.84 21.96 10.52
N ASN B 312 2.44 20.95 11.31
CA ASN B 312 2.18 19.58 10.81
C ASN B 312 3.12 18.94 9.79
N ARG B 313 4.41 19.25 9.86
CA ARG B 313 5.34 18.67 8.91
C ARG B 313 5.47 17.16 9.03
N GLN B 314 6.18 16.55 8.07
CA GLN B 314 6.39 15.12 8.05
C GLN B 314 7.45 14.76 7.05
N VAL B 315 8.32 13.82 7.40
CA VAL B 315 9.33 13.38 6.46
C VAL B 315 8.67 12.21 5.78
N ILE B 316 8.55 12.30 4.46
CA ILE B 316 7.96 11.25 3.67
C ILE B 316 9.22 10.48 3.22
N VAL B 317 10.19 11.19 2.65
CA VAL B 317 11.44 10.58 2.18
C VAL B 317 12.59 11.24 2.99
N ASP B 318 13.34 10.43 3.75
CA ASP B 318 14.44 10.99 4.54
C ASP B 318 15.38 11.73 3.62
N SER B 319 16.01 12.76 4.15
CA SER B 319 16.96 13.59 3.41
C SER B 319 18.16 12.92 2.78
N ASP B 320 18.52 11.75 3.29
CA ASP B 320 19.70 11.09 2.76
C ASP B 320 19.60 10.34 1.45
N ASN B 321 18.46 10.51 0.79
CA ASN B 321 18.23 9.87 -0.51
C ASN B 321 17.33 10.66 -1.42
N ARG B 322 17.33 10.26 -2.67
CA ARG B 322 16.58 10.88 -3.76
C ARG B 322 15.07 10.87 -3.76
N SER B 323 14.55 11.97 -4.30
CA SER B 323 13.14 12.31 -4.49
C SER B 323 13.05 12.71 -5.99
N GLY B 324 12.13 13.62 -6.32
CA GLY B 324 11.98 14.07 -7.69
C GLY B 324 10.63 14.75 -7.89
N TYR B 325 10.11 14.56 -9.10
CA TYR B 325 8.81 15.11 -9.47
C TYR B 325 7.76 14.77 -8.43
N SER B 326 6.69 15.53 -8.43
CA SER B 326 5.62 15.29 -7.49
C SER B 326 4.37 16.01 -7.96
N GLY B 327 3.25 15.30 -7.88
CA GLY B 327 1.99 15.85 -8.29
C GLY B 327 0.95 15.54 -7.22
N ILE B 328 -0.26 15.98 -7.46
CA ILE B 328 -1.36 15.78 -6.55
C ILE B 328 -2.34 14.87 -7.28
N PHE B 329 -3.38 14.43 -6.56
CA PHE B 329 -4.43 13.59 -7.12
C PHE B 329 -5.57 13.51 -6.11
N SER B 330 -6.77 13.66 -6.60
CA SER B 330 -7.91 13.63 -5.73
C SER B 330 -8.65 12.30 -5.80
N VAL B 331 -9.47 12.06 -4.77
CA VAL B 331 -10.25 10.85 -4.68
C VAL B 331 -11.54 11.18 -3.98
N GLU B 332 -12.67 10.88 -4.60
CA GLU B 332 -13.93 11.16 -3.95
C GLU B 332 -14.22 10.21 -2.79
N GLY B 333 -14.57 10.81 -1.66
CA GLY B 333 -14.89 10.05 -0.47
C GLY B 333 -16.40 9.91 -0.44
N LYS B 334 -16.95 9.32 0.60
CA LYS B 334 -18.40 9.16 0.65
C LYS B 334 -19.05 10.46 1.08
N SER B 335 -18.24 11.34 1.62
CA SER B 335 -18.76 12.62 2.05
C SER B 335 -17.94 13.82 1.61
N CYS B 336 -16.68 13.60 1.29
CA CYS B 336 -15.82 14.69 0.91
C CYS B 336 -14.76 14.24 -0.05
N ILE B 337 -14.26 15.19 -0.85
CA ILE B 337 -13.22 14.86 -1.82
C ILE B 337 -11.85 15.04 -1.15
N ASN B 338 -11.23 13.88 -0.90
CA ASN B 338 -9.93 13.76 -0.26
C ASN B 338 -8.80 14.23 -1.17
N ARG B 339 -7.65 14.57 -0.59
CA ARG B 339 -6.50 15.04 -1.34
C ARG B 339 -5.33 14.09 -1.14
N CYS B 340 -4.64 13.71 -2.22
CA CYS B 340 -3.49 12.78 -2.12
C CYS B 340 -2.31 13.21 -3.01
N PHE B 341 -1.11 12.75 -2.67
CA PHE B 341 0.07 13.11 -3.46
C PHE B 341 0.93 11.86 -3.70
N TYR B 342 1.88 11.96 -4.64
CA TYR B 342 2.77 10.84 -4.95
C TYR B 342 4.13 11.46 -5.09
N VAL B 343 5.16 10.65 -4.95
CA VAL B 343 6.53 11.08 -5.03
C VAL B 343 7.35 10.23 -5.98
N GLU B 344 7.99 10.87 -6.96
CA GLU B 344 8.82 10.17 -7.91
C GLU B 344 10.22 9.90 -7.35
N LEU B 345 10.54 8.65 -7.05
CA LEU B 345 11.87 8.36 -6.53
C LEU B 345 12.74 7.92 -7.70
N ILE B 346 13.54 8.86 -8.19
CA ILE B 346 14.45 8.65 -9.32
C ILE B 346 15.83 8.10 -8.93
N ARG B 347 16.35 7.21 -9.75
CA ARG B 347 17.65 6.58 -9.55
C ARG B 347 18.33 6.53 -10.92
N GLY B 348 19.65 6.53 -10.94
CA GLY B 348 20.34 6.48 -12.21
C GLY B 348 21.15 7.70 -12.56
N ARG B 349 21.77 7.64 -13.75
CA ARG B 349 22.64 8.69 -14.30
C ARG B 349 22.53 10.13 -13.86
N LYS B 350 23.71 10.75 -13.96
CA LYS B 350 23.97 12.12 -13.61
C LYS B 350 24.19 12.10 -12.12
N GLN B 351 23.13 11.98 -11.31
CA GLN B 351 23.38 11.96 -9.88
C GLN B 351 24.21 10.73 -9.56
N GLU B 352 23.63 9.54 -9.65
CA GLU B 352 24.36 8.29 -9.38
C GLU B 352 24.97 7.84 -10.70
N THR B 353 26.29 7.62 -10.71
CA THR B 353 26.93 7.22 -11.96
C THR B 353 27.47 5.81 -12.09
N ARG B 354 27.22 4.96 -11.10
CA ARG B 354 27.72 3.60 -11.21
C ARG B 354 26.98 2.96 -12.37
N VAL B 355 25.72 3.32 -12.52
CA VAL B 355 24.89 2.79 -13.57
C VAL B 355 24.78 3.72 -14.78
N TRP B 356 24.24 3.21 -15.88
CA TRP B 356 24.09 4.00 -17.10
C TRP B 356 22.63 4.29 -17.43
N TRP B 357 21.73 3.79 -16.59
CA TRP B 357 20.27 3.94 -16.75
C TRP B 357 19.73 4.94 -15.74
N THR B 358 18.52 5.44 -15.98
CA THR B 358 17.88 6.42 -15.11
C THR B 358 16.39 6.09 -15.01
N SER B 359 16.00 5.33 -13.99
CA SER B 359 14.59 4.96 -13.82
C SER B 359 14.07 5.53 -12.51
N ASN B 360 12.83 5.21 -12.14
CA ASN B 360 12.29 5.71 -10.88
C ASN B 360 11.20 4.79 -10.33
N SER B 361 10.96 4.86 -9.02
CA SER B 361 9.92 4.06 -8.37
C SER B 361 9.06 5.10 -7.68
N ILE B 362 7.83 4.77 -7.34
CA ILE B 362 6.99 5.77 -6.69
C ILE B 362 6.65 5.47 -5.21
N VAL B 363 5.95 6.41 -4.58
CA VAL B 363 5.50 6.32 -3.19
C VAL B 363 4.28 7.21 -3.13
N VAL B 364 3.23 6.76 -2.48
CA VAL B 364 2.04 7.61 -2.39
C VAL B 364 1.29 7.57 -1.06
N PHE B 365 1.21 8.75 -0.45
CA PHE B 365 0.51 8.93 0.80
C PHE B 365 -0.79 9.57 0.41
N CYS B 366 -1.73 9.61 1.34
CA CYS B 366 -3.03 10.21 1.08
C CYS B 366 -3.53 10.93 2.31
N GLY B 367 -4.26 12.00 2.06
CA GLY B 367 -4.80 12.76 3.16
C GLY B 367 -5.50 11.87 4.15
N THR B 368 -5.54 12.32 5.40
CA THR B 368 -6.17 11.61 6.48
C THR B 368 -6.46 12.50 7.65
N SER B 369 -7.65 12.34 8.20
CA SER B 369 -8.06 13.10 9.36
C SER B 369 -7.76 12.28 10.60
N GLY B 370 -7.24 11.07 10.40
CA GLY B 370 -6.92 10.19 11.51
C GLY B 370 -5.63 10.58 12.20
N THR B 371 -4.94 9.59 12.75
CA THR B 371 -3.67 9.82 13.46
C THR B 371 -2.62 9.17 12.60
N TYR B 372 -1.36 9.25 12.99
CA TYR B 372 -0.29 8.65 12.22
C TYR B 372 1.05 8.84 12.93
N GLY B 373 1.98 7.93 12.72
CA GLY B 373 3.27 8.04 13.33
C GLY B 373 4.20 8.90 12.50
N THR B 374 5.41 8.37 12.30
CA THR B 374 6.48 9.01 11.54
C THR B 374 7.29 7.89 10.86
N GLY B 375 7.88 8.21 9.71
CA GLY B 375 8.70 7.24 8.99
C GLY B 375 9.43 7.96 7.87
N SER B 376 9.96 7.17 6.94
CA SER B 376 10.70 7.64 5.77
C SER B 376 10.67 6.47 4.82
N TRP B 377 9.97 6.61 3.71
CA TRP B 377 9.86 5.53 2.73
C TRP B 377 10.57 5.79 1.41
N PRO B 378 11.89 5.62 1.39
CA PRO B 378 12.66 5.85 0.16
C PRO B 378 12.49 4.77 -0.91
N ASP B 379 13.37 4.81 -1.91
CA ASP B 379 13.37 3.86 -3.01
C ASP B 379 13.86 2.51 -2.47
N GLY B 380 14.98 2.54 -1.75
CA GLY B 380 15.53 1.32 -1.18
C GLY B 380 16.47 0.48 -2.00
N ALA B 381 16.62 0.76 -3.29
CA ALA B 381 17.50 -0.02 -4.13
C ALA B 381 19.00 0.20 -3.90
N ASN B 382 19.71 -0.87 -3.63
CA ASN B 382 21.15 -0.75 -3.41
C ASN B 382 21.76 -0.61 -4.81
N ILE B 383 22.22 0.59 -5.11
CA ILE B 383 22.81 0.91 -6.40
C ILE B 383 23.99 0.01 -6.75
N ASN B 384 24.50 -0.68 -5.75
CA ASN B 384 25.62 -1.55 -5.99
C ASN B 384 25.19 -2.90 -6.47
N PHE B 385 23.92 -3.23 -6.28
CA PHE B 385 23.41 -4.52 -6.73
C PHE B 385 22.77 -4.32 -8.13
N MET B 386 22.55 -3.06 -8.49
CA MET B 386 21.91 -2.72 -9.74
C MET B 386 22.65 -2.98 -11.02
N PRO B 387 21.91 -3.38 -12.05
CA PRO B 387 22.42 -3.68 -13.38
C PRO B 387 23.12 -2.50 -14.02
N ILE B 388 24.10 -2.84 -14.85
CA ILE B 388 24.94 -1.89 -15.58
C ILE B 388 26.12 -1.40 -14.75
C1 NAG C . -28.55 -13.03 7.64
C2 NAG C . -29.80 -12.31 7.96
C3 NAG C . -30.96 -13.15 7.43
C4 NAG C . -30.90 -13.14 5.89
C5 NAG C . -29.47 -13.57 5.47
C6 NAG C . -29.15 -13.16 4.05
C7 NAG C . -29.93 -12.83 10.33
C8 NAG C . -30.15 -12.23 11.69
N2 NAG C . -29.98 -11.96 9.33
O3 NAG C . -32.20 -12.64 7.90
O4 NAG C . -31.91 -14.02 5.31
O5 NAG C . -28.46 -12.92 6.27
O6 NAG C . -29.31 -11.75 4.00
O7 NAG C . -29.69 -14.02 10.16
H1 NAG C . -28.50 -14.11 7.89
H2 NAG C . -29.79 -11.33 7.43
H3 NAG C . -30.87 -14.20 7.79
H4 NAG C . -31.12 -12.11 5.55
H5 NAG C . -29.36 -14.66 5.58
H61 NAG C . -29.70 -13.71 3.28
H62 NAG C . -28.09 -13.40 3.85
H81 NAG C . -30.07 -13.00 12.47
H82 NAG C . -31.15 -11.79 11.75
H83 NAG C . -29.39 -11.46 11.90
HN2 NAG C . -30.15 -11.02 9.54
HO3 NAG C . -32.91 -13.24 7.63
HO6 NAG C . -28.62 -11.38 4.58
C1 NAG C . -32.52 -13.70 4.03
C2 NAG C . -32.98 -15.04 3.53
C3 NAG C . -34.27 -14.91 2.75
C4 NAG C . -35.41 -14.39 3.62
C5 NAG C . -35.00 -12.97 4.22
C6 NAG C . -35.29 -12.83 5.75
C7 NAG C . -31.59 -16.87 2.75
C8 NAG C . -30.48 -17.30 1.81
N2 NAG C . -31.94 -15.58 2.69
O3 NAG C . -34.67 -16.18 2.25
O4 NAG C . -36.54 -14.36 2.76
O5 NAG C . -33.57 -12.66 4.01
O6 NAG C . -34.49 -13.76 6.46
O7 NAG C . -32.12 -17.66 3.51
H1 NAG C . -31.78 -13.27 3.35
H2 NAG C . -33.19 -15.70 4.40
H3 NAG C . -34.13 -14.22 1.91
H4 NAG C . -35.59 -15.11 4.45
H5 NAG C . -35.58 -12.19 3.68
H61 NAG C . -36.36 -13.02 5.94
H62 NAG C . -35.07 -11.80 6.07
H81 NAG C . -29.57 -16.68 1.95
H82 NAG C . -30.81 -17.24 0.76
H83 NAG C . -30.19 -18.35 2.01
HN2 NAG C . -31.49 -14.99 2.06
HO3 NAG C . -34.43 -16.86 2.91
HO4 NAG C . -36.51 -15.19 2.25
HO6 NAG C . -33.63 -13.79 6.02
C1 NAG D . 24.94 -11.21 2.16
C2 NAG D . 25.81 -10.90 1.06
C3 NAG D . 27.09 -11.70 1.32
C4 NAG D . 27.86 -10.87 2.44
C5 NAG D . 26.98 -10.89 3.66
C6 NAG D . 26.78 -9.57 4.36
C7 NAG D . 25.00 -12.37 -0.83
C8 NAG D . 24.11 -12.29 -2.07
N2 NAG D . 25.07 -11.22 -0.16
O3 NAG D . 27.77 -11.86 0.09
O4 NAG D . 29.15 -11.48 2.73
O5 NAG D . 25.66 -11.47 3.35
O6 NAG D . 26.10 -8.66 3.53
O7 NAG D . 25.60 -13.38 -0.50
H1 NAG D . 24.43 -12.15 2.00
H2 NAG D . 26.03 -9.82 1.04
H3 NAG D . 26.91 -12.72 1.70
H4 NAG D . 28.05 -9.86 2.09
H5 NAG D . 27.40 -11.61 4.38
H61 NAG D . 27.74 -9.14 4.63
H62 NAG D . 26.17 -9.75 5.28
H81 NAG D . 23.10 -11.93 -1.82
H82 NAG D . 24.02 -13.29 -2.53
H83 NAG D . 24.56 -11.62 -2.83
HN2 NAG D . 24.60 -10.47 -0.56
HO3 NAG D . 27.43 -12.66 -0.32
C1 NAG D . 30.36 -10.79 3.11
C2 NAG D . 30.69 -10.93 4.66
C3 NAG D . 32.18 -10.62 4.95
C4 NAG D . 33.05 -11.63 4.14
C5 NAG D . 32.73 -11.44 2.59
C6 NAG D . 33.49 -12.52 1.77
C7 NAG D . 29.10 -10.62 6.51
C8 NAG D . 28.39 -9.65 7.45
N2 NAG D . 29.95 -10.11 5.62
O3 NAG D . 32.49 -10.66 6.35
O4 NAG D . 34.49 -11.54 4.37
O5 NAG D . 31.31 -11.60 2.38
O6 NAG D . 33.36 -13.84 2.34
O7 NAG D . 28.87 -11.83 6.59
H1 NAG D . 30.42 -9.77 2.68
H2 NAG D . 30.55 -11.99 4.89
H3 NAG D . 32.35 -9.60 4.57
H4 NAG D . 32.77 -12.65 4.43
H5 NAG D . 32.97 -10.44 2.19
H61 NAG D . 34.55 -12.24 1.68
H62 NAG D . 33.09 -12.51 0.74
H81 NAG D . 28.91 -9.62 8.42
H82 NAG D . 27.35 -10.00 7.63
H83 NAG D . 28.35 -8.64 7.04
HN2 NAG D . 30.12 -9.14 5.64
HO3 NAG D . 32.34 -11.56 6.67
HO6 NAG D . 32.42 -14.03 2.38
C1 BMA D . 35.16 -10.23 4.39
C2 BMA D . 36.66 -10.36 3.98
C3 BMA D . 37.03 -9.87 2.56
C4 BMA D . 36.39 -8.46 2.25
C5 BMA D . 35.16 -8.14 3.16
C6 BMA D . 34.06 -7.22 2.57
O2 BMA D . 37.00 -11.72 3.95
O3 BMA D . 36.62 -10.83 1.60
O4 BMA D . 37.36 -7.44 2.46
O5 BMA D . 34.51 -9.33 3.48
O6 BMA D . 32.85 -7.43 3.32
H1 BMA D . 35.00 -9.82 5.40
H2 BMA D . 37.29 -9.83 4.71
H3 BMA D . 38.13 -9.79 2.52
H4 BMA D . 36.07 -8.44 1.20
H5 BMA D . 35.50 -7.68 4.10
H61 BMA D . 33.89 -7.47 1.52
H62 BMA D . 34.38 -6.17 2.63
HO2 BMA D . 36.18 -12.22 3.85
HO3 BMA D . 36.99 -11.67 1.92
HO4 BMA D . 38.06 -7.53 1.80
HO6 BMA D . 33.10 -7.84 4.15
C1 FUL D . 25.80 -7.39 4.14
C2 FUL D . 25.03 -6.55 3.08
O2 FUL D . 23.63 -6.60 3.29
C3 FUL D . 25.42 -5.04 3.08
O3 FUL D . 24.64 -4.43 2.00
C4 FUL D . 26.97 -4.88 2.82
O4 FUL D . 27.20 -4.95 1.44
C5 FUL D . 27.87 -6.03 3.54
C6 FUL D . 28.57 -7.08 2.68
O5 FUL D . 27.05 -6.76 4.53
H1 FUL D . 25.18 -7.55 5.03
H2 FUL D . 25.26 -6.93 2.07
HO2 FUL D . 23.28 -5.83 2.82
H3 FUL D . 25.15 -4.59 4.05
HO3 FUL D . 25.26 -4.31 1.26
H4 FUL D . 27.29 -3.90 3.20
HO4 FUL D . 28.14 -4.84 1.28
H5 FUL D . 28.64 -5.51 4.13
H61 FUL D . 27.84 -7.58 2.04
H62 FUL D . 29.28 -6.58 2.01
H63 FUL D . 29.13 -7.80 3.30
C1 NAG E . 6.20 10.01 15.49
C2 NAG E . 6.41 11.12 16.55
C3 NAG E . 7.94 11.31 17.04
C4 NAG E . 9.13 10.53 16.30
C5 NAG E . 8.50 10.30 14.88
C6 NAG E . 9.26 9.87 13.58
C7 NAG E . 4.78 12.58 15.47
C8 NAG E . 4.37 14.02 15.09
N2 NAG E . 5.92 12.43 16.12
O3 NAG E . 8.07 10.83 18.36
O4 NAG E . 10.34 11.38 16.42
O5 NAG E . 7.43 9.37 15.18
O6 NAG E . 9.61 11.02 12.72
O7 NAG E . 4.06 11.62 15.14
H1 NAG E . 5.93 10.38 14.49
H2 NAG E . 5.81 10.86 17.45
H3 NAG E . 8.19 12.38 17.06
H4 NAG E . 9.38 9.55 16.76
H5 NAG E . 8.05 11.25 14.55
H61 NAG E . 8.53 9.26 13.02
H62 NAG E . 10.16 9.34 13.89
H81 NAG E . 4.99 14.38 14.26
H82 NAG E . 4.54 14.70 15.94
H83 NAG E . 3.31 14.09 14.79
HN2 NAG E . 6.42 13.24 16.38
HO3 NAG E . 8.96 11.01 18.69
C1 NAG E . 11.41 11.47 15.39
C2 NAG E . 12.09 12.79 15.69
C3 NAG E . 13.21 12.83 14.55
C4 NAG E . 14.31 11.94 15.14
C5 NAG E . 13.80 10.52 15.60
C6 NAG E . 14.08 10.24 17.12
C7 NAG E . 10.14 14.15 15.00
C8 NAG E . 9.29 15.34 15.47
N2 NAG E . 11.13 13.85 15.83
O3 NAG E . 13.62 14.14 14.26
O4 NAG E . 15.47 11.69 14.32
O5 NAG E . 12.33 10.34 15.32
O6 NAG E . 13.26 10.96 18.03
O7 NAG E . 9.92 13.56 13.94
H1 NAG E . 10.93 11.52 14.43
H2 NAG E . 12.55 12.76 16.69
H3 NAG E . 12.86 12.37 13.60
H4 NAG E . 14.60 12.50 16.03
H5 NAG E . 14.32 9.73 15.04
H61 NAG E . 15.13 10.45 17.34
H62 NAG E . 13.96 9.16 17.32
H81 NAG E . 9.87 16.28 15.42
H82 NAG E . 8.95 15.18 16.51
H83 NAG E . 8.40 15.44 14.84
HN2 NAG E . 11.21 14.39 16.64
HO3 NAG E . 13.02 14.50 13.61
HO6 NAG E . 12.36 10.89 17.70
C1 BMA E . 16.55 12.64 14.23
C2 BMA E . 17.23 13.03 15.61
C3 BMA E . 18.74 12.73 15.63
C4 BMA E . 18.97 11.30 15.11
C5 BMA E . 18.63 11.23 13.57
C6 BMA E . 18.28 9.76 12.99
O2 BMA E . 16.67 12.33 16.72
O3 BMA E . 19.08 12.84 17.02
O4 BMA E . 20.31 10.87 15.38
O5 BMA E . 17.50 12.14 13.22
O6 BMA E . 17.07 9.14 13.43
H1 BMA E . 16.10 13.54 13.75
H2 BMA E . 17.10 14.12 15.77
H3 BMA E . 19.29 13.47 15.02
H4 BMA E . 18.26 10.62 15.63
H5 BMA E . 19.51 11.60 13.01
H61 BMA E . 19.11 9.09 13.24
H62 BMA E . 18.26 9.80 11.89
HO2 BMA E . 17.18 12.55 17.51
HO4 BMA E . 20.39 9.95 15.12
HO6 BMA E . 16.47 9.86 13.68
C1 MAN E . 20.29 13.42 17.55
C2 MAN E . 21.25 12.28 18.25
C3 MAN E . 21.56 12.49 19.82
C4 MAN E . 20.37 13.21 20.64
C5 MAN E . 19.15 13.61 19.73
C6 MAN E . 18.09 14.55 20.35
O2 MAN E . 22.59 12.00 17.70
O3 MAN E . 22.77 13.23 20.08
O4 MAN E . 19.91 12.35 21.64
O5 MAN E . 19.69 14.27 18.56
O6 MAN E . 17.14 14.94 19.37
H1 MAN E . 20.80 14.10 16.85
H2 MAN E . 20.71 11.33 18.14
H3 MAN E . 21.71 11.48 20.25
H4 MAN E . 20.75 14.13 21.13
H5 MAN E . 18.63 12.69 19.43
H61 MAN E . 18.57 15.45 20.78
H62 MAN E . 17.58 14.04 21.19
HO3 MAN E . 22.84 13.93 19.43
HO4 MAN E . 20.67 12.14 22.20
HO6 MAN E . 17.61 14.92 18.52
C1 MAN E . 23.37 12.86 16.88
C2 MAN E . 24.50 11.97 16.25
C3 MAN E . 25.83 11.89 17.10
C4 MAN E . 25.83 12.87 18.31
C5 MAN E . 25.19 14.25 18.02
C6 MAN E . 25.93 15.15 17.01
O2 MAN E . 24.88 12.45 14.98
O3 MAN E . 26.93 12.19 16.26
O4 MAN E . 25.09 12.32 19.36
O5 MAN E . 23.79 14.08 17.57
O6 MAN E . 25.07 16.21 16.60
H1 MAN E . 22.70 13.16 16.05
H2 MAN E . 24.11 10.95 16.11
H3 MAN E . 25.93 10.86 17.48
H4 MAN E . 26.87 13.01 18.65
H5 MAN E . 25.12 14.81 18.97
H61 MAN E . 26.30 14.59 16.14
H62 MAN E . 26.82 15.58 17.50
HO2 MAN E . 25.20 13.35 15.09
HO3 MAN E . 26.72 11.86 15.38
HO4 MAN E . 24.15 12.37 19.17
HO6 MAN E . 24.16 15.97 16.83
C1 MAN E . 10.61 10.79 11.72
C2 MAN E . 10.04 9.76 10.67
C3 MAN E . 11.12 9.28 9.68
C4 MAN E . 12.45 10.05 9.94
C5 MAN E . 12.85 9.69 11.43
C6 MAN E . 14.31 10.09 11.89
O2 MAN E . 8.97 10.33 9.92
O3 MAN E . 10.70 9.45 8.35
O4 MAN E . 13.44 9.72 8.96
O5 MAN E . 11.85 10.31 12.34
O6 MAN E . 14.48 11.51 12.07
H1 MAN E . 10.78 11.78 11.26
H2 MAN E . 9.66 8.87 11.18
H3 MAN E . 11.30 8.20 9.82
H4 MAN E . 12.30 11.13 9.82
H5 MAN E . 12.78 8.59 11.56
H61 MAN E . 15.02 9.74 11.14
H62 MAN E . 14.56 9.55 12.80
HO2 MAN E . 8.67 11.10 10.43
HO3 MAN E . 9.78 9.72 8.37
HO4 MAN E . 12.97 9.68 8.12
HO6 MAN E . 15.36 11.69 12.44
C1 NAG F . -27.15 -8.20 11.71
C2 NAG F . -27.16 -7.30 12.97
C3 NAG F . -28.28 -7.68 13.89
C4 NAG F . -29.57 -7.59 13.10
C5 NAG F . -29.63 -8.35 11.74
C6 NAG F . -30.06 -7.41 10.60
C7 NAG F . -25.41 -6.33 14.40
C8 NAG F . -24.10 -6.51 15.17
N2 NAG F . -25.89 -7.38 13.74
O3 NAG F . -28.26 -6.76 15.00
O4 NAG F . -30.62 -8.18 13.90
O5 NAG F . -28.37 -8.89 11.39
O6 NAG F . -31.18 -6.61 10.99
O7 NAG F . -25.97 -5.24 14.42
H1 NAG F . -26.52 -9.09 11.91
H2 NAG F . -27.31 -6.26 12.62
H3 NAG F . -28.16 -8.71 14.26
H4 NAG F . -29.72 -6.51 12.95
H5 NAG F . -30.30 -9.22 11.81
H61 NAG F . -30.31 -8.00 9.71
H62 NAG F . -29.23 -6.73 10.34
H81 NAG F . -24.23 -7.26 15.97
H82 NAG F . -23.79 -5.57 15.63
H83 NAG F . -23.30 -6.84 14.49
HN2 NAG F . -25.39 -8.22 13.74
HO3 NAG F . -27.88 -5.91 14.77
HO6 NAG F . -31.51 -6.11 10.22
C1 NAG F . -31.90 -7.50 13.85
C2 NAG F . -32.97 -8.31 13.10
C3 NAG F . -34.19 -7.32 13.10
C4 NAG F . -34.77 -7.45 14.53
C5 NAG F . -33.62 -6.78 15.41
C6 NAG F . -33.70 -6.83 16.94
C7 NAG F . -33.57 -9.86 11.35
C8 NAG F . -33.35 -10.52 9.98
N2 NAG F . -32.73 -8.93 11.82
O3 NAG F . -35.16 -7.44 12.07
O4 NAG F . -36.06 -6.87 14.50
O5 NAG F . -32.34 -7.36 15.19
O6 NAG F . -32.49 -6.26 17.46
O7 NAG F . -34.55 -10.23 11.99
H1 NAG F . -31.76 -6.46 13.53
H2 NAG F . -33.13 -9.18 13.77
H3 NAG F . -33.85 -6.28 12.94
H4 NAG F . -34.93 -8.51 14.80
H5 NAG F . -33.55 -5.71 15.15
H61 NAG F . -33.81 -7.87 17.28
H62 NAG F . -34.57 -6.26 17.30
H81 NAG F . -32.37 -10.25 9.55
H82 NAG F . -34.14 -10.24 9.29
H83 NAG F . -33.38 -11.61 10.08
HN2 NAG F . -31.98 -8.60 11.28
HO3 NAG F . -35.43 -8.37 12.02
HO4 NAG F . -36.34 -6.83 13.57
HO6 NAG F . -31.75 -6.60 16.94
C1 NAG G . -23.44 16.55 -8.30
C2 NAG G . -24.75 17.07 -8.73
C3 NAG G . -25.76 16.69 -7.65
C4 NAG G . -25.94 15.16 -7.68
C5 NAG G . -24.53 14.52 -7.57
C6 NAG G . -24.53 13.08 -8.05
C7 NAG G . -24.39 19.41 -8.19
C8 NAG G . -24.53 20.82 -8.73
N2 NAG G . -24.79 18.46 -9.03
O3 NAG G . -26.99 17.36 -7.87
O4 NAG G . -26.81 14.71 -6.59
O5 NAG G . -23.58 15.18 -8.43
O6 NAG G . -25.00 13.11 -9.39
O7 NAG G . -23.93 19.17 -7.08
H1 NAG G . -23.11 16.75 -7.27
H2 NAG G . -25.04 16.59 -9.68
H3 NAG G . -25.39 17.00 -6.65
H4 NAG G . -26.44 14.90 -8.63
H5 NAG G . -24.17 14.57 -6.54
H61 NAG G . -25.06 12.38 -7.39
H62 NAG G . -23.49 12.71 -8.05
H81 NAG G . -24.16 21.55 -7.99
H82 NAG G . -25.58 21.04 -8.93
H83 NAG G . -23.93 20.94 -9.64
HN2 NAG G . -25.12 18.73 -9.91
HO3 NAG G . -27.59 17.19 -7.13
HO6 NAG G . -24.34 13.59 -9.90
C1 NAG G . -27.67 13.55 -6.77
C2 NAG G . -27.89 13.08 -5.36
C3 NAG G . -29.28 12.50 -5.20
C4 NAG G . -30.36 13.55 -5.45
C5 NAG G . -30.19 14.13 -6.93
C6 NAG G . -30.26 15.69 -6.99
C7 NAG G . -26.27 12.03 -3.89
C8 NAG G . -25.24 10.92 -3.72
N2 NAG G . -26.89 12.07 -5.06
O3 NAG G . -29.46 12.03 -3.87
O4 NAG G . -31.58 12.87 -5.22
O5 NAG G . -28.91 13.73 -7.54
O6 NAG G . -29.17 16.24 -6.26
O7 NAG G . -26.49 12.84 -2.99
H1 NAG G . -27.15 12.78 -7.35
H2 NAG G . -27.81 13.94 -4.66
H3 NAG G . -29.42 11.67 -5.91
H4 NAG G . -30.25 14.37 -4.71
H5 NAG G . -31.00 13.72 -7.55
H61 NAG G . -31.22 16.03 -6.57
H62 NAG G . -30.22 16.02 -8.05
H81 NAG G . -24.49 10.95 -4.53
H82 NAG G . -25.74 9.94 -3.71
H83 NAG G . -24.70 11.04 -2.76
HN2 NAG G . -26.69 11.40 -5.75
HO3 NAG G . -28.97 12.61 -3.26
HO4 NAG G . -31.45 12.34 -4.43
HO6 NAG G . -28.41 15.68 -6.43
C1 NAG H . 26.84 3.18 -22.07
C2 NAG H . 27.43 1.98 -22.56
C3 NAG H . 28.88 2.01 -22.07
C4 NAG H . 29.61 3.03 -23.04
C5 NAG H . 28.96 4.36 -22.83
C6 NAG H . 28.58 5.14 -24.07
C7 NAG H . 26.68 0.17 -20.95
C8 NAG H . 25.62 -0.92 -20.83
N2 NAG H . 26.60 0.87 -22.09
O3 NAG H . 29.38 0.69 -22.06
O4 NAG H . 31.04 3.11 -22.74
O5 NAG H . 27.77 4.24 -21.97
O6 NAG H . 27.59 4.46 -24.81
O7 NAG H . 27.54 0.37 -20.10
H1 NAG H . 26.52 3.07 -21.03
H2 NAG H . 27.40 1.96 -23.66
H3 NAG H . 28.99 2.38 -21.03
H4 NAG H . 29.52 2.70 -24.08
H5 NAG H . 29.63 4.99 -22.23
H61 NAG H . 29.46 5.28 -24.70
H62 NAG H . 28.18 6.13 -23.76
H81 NAG H . 24.61 -0.50 -20.95
H82 NAG H . 25.68 -1.39 -19.84
H83 NAG H . 25.79 -1.70 -21.59
HN2 NAG H . 25.92 0.57 -22.72
HO3 NAG H . 29.17 0.30 -21.21
C1 NAG H . 32.10 3.32 -23.69
C2 NAG H . 32.70 4.80 -23.62
C3 NAG H . 34.10 4.87 -24.26
C4 NAG H . 35.04 3.91 -23.47
C5 NAG H . 34.45 2.43 -23.58
C6 NAG H . 35.30 1.46 -22.70
C7 NAG H . 31.38 6.88 -23.57
C8 NAG H . 30.62 7.94 -24.35
N2 NAG H . 31.95 5.89 -24.25
O3 NAG H . 34.62 6.21 -24.28
O4 NAG H . 36.44 3.92 -23.87
O5 NAG H . 33.08 2.43 -23.11
O6 NAG H . 35.55 2.00 -21.39
O7 NAG H . 31.43 6.95 -22.33
H1 NAG H . 31.87 2.93 -24.69
H2 NAG H . 32.83 5.01 -22.55
H3 NAG H . 33.99 4.51 -25.29
H4 NAG H . 35.04 4.20 -22.41
H5 NAG H . 34.40 2.04 -24.61
H61 NAG H . 36.24 1.23 -23.21
H62 NAG H . 34.75 0.51 -22.62
H81 NAG H . 31.27 8.83 -24.49
H82 NAG H . 29.73 8.27 -23.78
H83 NAG H . 30.29 7.58 -25.33
HN2 NAG H . 31.90 5.91 -25.24
HO3 NAG H . 34.74 6.52 -23.37
HO6 NAG H . 34.69 2.18 -20.99
C1 BMA H . 36.80 3.89 -25.30
C2 BMA H . 38.21 3.25 -25.51
C3 BMA H . 38.24 1.82 -26.07
C4 BMA H . 37.26 1.65 -27.30
C5 BMA H . 36.15 2.75 -27.35
C6 BMA H . 34.80 2.37 -27.99
O2 BMA H . 38.84 3.12 -24.26
O3 BMA H . 37.91 0.89 -25.05
O4 BMA H . 38.00 1.75 -28.52
O5 BMA H . 35.84 3.12 -26.03
O6 BMA H . 33.79 3.28 -27.52
H1 BMA H . 36.71 4.92 -25.66
H2 BMA H . 38.82 3.90 -26.17
H3 BMA H . 39.28 1.61 -26.40
H4 BMA H . 36.79 0.66 -27.26
H5 BMA H . 36.52 3.64 -27.86
H61 BMA H . 34.53 1.34 -27.72
H62 BMA H . 34.88 2.41 -29.09
HO2 BMA H . 38.14 3.13 -23.59
HO3 BMA H . 38.50 1.12 -24.32
HO4 BMA H . 38.60 0.99 -28.59
HO6 BMA H . 34.25 4.04 -27.17
C1 FUC H . 27.12 5.14 -25.98
C2 FUC H . 26.03 4.25 -26.63
C3 FUC H . 26.07 4.24 -28.18
C4 FUC H . 27.49 3.76 -28.68
C5 FUC H . 28.72 4.29 -27.77
C6 FUC H . 29.50 3.30 -26.90
O2 FUC H . 24.72 4.65 -26.26
O3 FUC H . 25.02 3.31 -28.61
O4 FUC H . 27.52 2.36 -28.67
O5 FUC H . 28.24 5.37 -26.87
H1 FUC H . 26.70 6.11 -25.68
H2 FUC H . 26.18 3.20 -26.31
H3 FUC H . 25.86 5.26 -28.56
H4 FUC H . 27.64 4.11 -29.71
H5 FUC H . 29.44 4.78 -28.44
H61 FUC H . 30.29 3.80 -26.32
H62 FUC H . 29.97 2.55 -27.55
H63 FUC H . 28.80 2.76 -26.25
HO2 FUC H . 24.15 4.27 -26.94
HO3 FUC H . 25.48 2.49 -28.86
HO4 FUC H . 28.38 2.06 -28.99
C1 NAG I . 6.15 19.92 -38.53
C2 NAG I . 6.27 20.98 -39.66
C3 NAG I . 7.78 21.24 -40.19
C4 NAG I . 8.98 20.30 -39.70
C5 NAG I . 8.21 18.98 -39.33
C6 NAG I . 8.83 17.57 -39.08
C7 NAG I . 4.21 20.20 -40.72
C8 NAG I . 3.44 19.94 -42.03
N2 NAG I . 5.44 20.67 -40.83
O3 NAG I . 8.21 22.50 -39.74
O4 NAG I . 9.97 20.26 -40.79
O5 NAG I . 7.42 19.40 -38.19
O6 NAG I . 8.79 16.70 -40.28
O7 NAG I . 3.68 19.95 -39.62
H1 NAG I . 5.65 18.99 -38.83
H2 NAG I . 5.89 21.94 -39.27
H3 NAG I . 7.78 21.26 -41.29
H4 NAG I . 9.50 20.68 -38.79
H5 NAG I . 7.51 18.75 -40.16
H61 NAG I . 8.18 17.10 -38.33
H62 NAG I . 9.86 17.72 -38.76
H81 NAG I . 3.82 19.04 -42.52
H82 NAG I . 3.58 20.78 -42.73
H83 NAG I . 2.36 19.80 -41.86
HN2 NAG I . 5.79 20.88 -41.72
HO3 NAG I . 9.08 22.70 -40.13
C1 NAG I . 10.83 19.09 -41.12
C2 NAG I . 11.24 19.33 -42.56
C3 NAG I . 12.13 18.04 -42.85
C4 NAG I . 13.48 18.43 -42.23
C5 NAG I . 13.37 18.90 -40.73
C6 NAG I . 13.93 20.36 -40.51
C7 NAG I . 8.95 19.00 -43.45
C8 NAG I . 7.94 19.63 -44.42
N2 NAG I . 10.10 19.66 -43.38
O3 NAG I . 12.19 17.73 -44.22
O4 NAG I . 14.52 17.43 -42.25
O5 NAG I . 11.95 18.84 -40.22
O6 NAG I . 13.13 21.40 -41.04
O7 NAG I . 8.71 17.95 -42.83
H1 NAG I . 10.21 18.22 -41.06
H2 NAG I . 11.84 20.25 -42.63
H3 NAG I . 11.75 17.14 -42.33
H4 NAG I . 13.77 19.28 -42.84
H5 NAG I . 13.96 18.24 -40.08
H61 NAG I . 14.94 20.42 -40.95
H62 NAG I . 14.09 20.53 -39.44
H81 NAG I . 8.28 19.52 -45.46
H82 NAG I . 7.81 20.70 -44.19
H83 NAG I . 6.97 19.14 -44.32
HN2 NAG I . 10.18 20.46 -43.92
HO3 NAG I . 11.43 17.20 -44.43
HO6 NAG I . 12.22 21.21 -40.77
C1 BMA I . 15.34 17.22 -43.42
C2 BMA I . 16.12 18.49 -43.94
C3 BMA I . 17.65 18.28 -43.99
C4 BMA I . 18.10 17.68 -42.65
C5 BMA I . 17.55 16.20 -42.50
C6 BMA I . 17.45 15.63 -40.99
O2 BMA I . 15.91 19.64 -43.13
O3 BMA I . 18.16 19.61 -44.17
O4 BMA I . 19.53 17.72 -42.53
O5 BMA I . 16.21 16.06 -43.14
O6 BMA I . 16.49 16.22 -40.12
H1 BMA I . 14.63 16.84 -44.19
H2 BMA I . 15.78 18.71 -44.97
H3 BMA I . 17.92 17.62 -44.83
H4 BMA I . 17.65 18.27 -41.83
H5 BMA I . 18.23 15.53 -43.06
H61 BMA I . 18.44 15.73 -40.53
H62 BMA I . 17.26 14.54 -41.03
HO2 BMA I . 16.48 20.36 -43.46
HO4 BMA I . 19.77 17.43 -41.65
HO6 BMA I . 15.79 16.58 -40.69
C1 MAN I . 19.28 19.96 -45.01
C2 MAN I . 20.56 20.47 -44.11
C3 MAN I . 21.06 21.98 -44.38
C4 MAN I . 19.88 23.00 -44.82
C5 MAN I . 18.48 22.30 -44.93
C6 MAN I . 17.34 23.10 -45.61
O2 MAN I . 21.83 19.72 -44.14
O3 MAN I . 22.10 22.08 -45.37
O4 MAN I . 19.79 24.02 -43.87
O5 MAN I . 18.67 21.08 -45.70
O6 MAN I . 16.19 22.29 -45.78
H1 MAN I . 19.52 19.22 -45.78
H2 MAN I . 20.24 20.41 -43.06
H3 MAN I . 21.50 22.35 -43.43
H4 MAN I . 20.12 23.46 -45.80
H5 MAN I . 18.13 22.04 -43.92
H61 MAN I . 17.68 23.48 -46.59
H62 MAN I . 17.10 23.98 -45.00
HO3 MAN I . 21.91 21.45 -46.07
HO4 MAN I . 20.64 24.45 -43.84
HO6 MAN I . 16.51 21.38 -45.87
C1 MAN I . 22.26 18.82 -45.15
C2 MAN I . 23.45 18.00 -44.54
C3 MAN I . 24.88 18.63 -44.75
C4 MAN I . 24.86 19.87 -45.71
C5 MAN I . 23.89 19.72 -46.92
C6 MAN I . 24.25 18.64 -47.96
O2 MAN I . 23.52 16.70 -45.09
O3 MAN I . 25.75 17.65 -45.30
O4 MAN I . 24.43 21.00 -45.00
O5 MAN I . 22.51 19.48 -46.43
O6 MAN I . 23.12 18.41 -48.79
H1 MAN I . 21.43 18.11 -45.29
H2 MAN I . 23.29 17.88 -43.45
H3 MAN I . 25.26 18.95 -43.77
H4 MAN I . 25.88 20.05 -46.08
H5 MAN I . 23.85 20.69 -47.44
H61 MAN I . 24.59 17.71 -47.50
H62 MAN I . 25.08 19.02 -48.58
HO2 MAN I . 23.64 16.79 -46.04
HO3 MAN I . 25.48 16.80 -44.93
HO4 MAN I . 23.48 20.95 -44.84
HO6 MAN I . 22.33 18.76 -48.36
C1 MAN I . 9.65 15.56 -40.28
C2 MAN I . 9.16 14.57 -39.16
C3 MAN I . 10.16 13.42 -38.93
C4 MAN I . 11.31 13.50 -39.98
C5 MAN I . 12.00 14.90 -39.71
C6 MAN I . 13.38 15.15 -40.43
O2 MAN I . 7.89 14.01 -39.47
O3 MAN I . 9.51 12.17 -39.01
O4 MAN I . 12.17 12.37 -39.88
O5 MAN I . 11.03 15.96 -40.10
O6 MAN I . 13.27 15.35 -41.85
H1 MAN I . 9.51 15.12 -41.28
H2 MAN I . 9.07 15.10 -38.20
H3 MAN I . 10.59 13.49 -37.92
H4 MAN I . 10.90 13.44 -41.00
H5 MAN I . 12.20 15.00 -38.62
H61 MAN I . 14.03 14.28 -40.25
H62 MAN I . 13.89 15.99 -39.96
HO2 MAN I . 7.51 14.58 -40.16
HO3 MAN I . 8.56 12.34 -39.06
HO4 MAN I . 11.60 11.60 -39.74
HO6 MAN I . 14.13 15.59 -42.22
C1 NAG J . -22.53 20.53 -13.33
C2 NAG J . -22.54 21.81 -14.20
C3 NAG J . -23.39 22.87 -13.57
C4 NAG J . -24.78 22.29 -13.38
C5 NAG J . -24.88 20.92 -12.62
C6 NAG J . -25.68 19.90 -13.44
C7 NAG J . -20.85 23.00 -15.53
C8 NAG J . -19.43 23.55 -15.64
N2 NAG J . -21.18 22.38 -14.40
O3 NAG J . -23.41 23.99 -14.47
O4 NAG J . -25.54 23.21 -12.56
O5 NAG J . -23.60 20.37 -12.38
O6 NAG J . -26.87 20.48 -13.97
O7 NAG J . -21.63 23.14 -16.47
H1 NAG J . -21.69 20.60 -12.60
H2 NAG J . -22.97 21.52 -15.18
H3 NAG J . -22.99 23.18 -12.59
H4 NAG J . -25.18 22.20 -14.39
H5 NAG J . -25.32 21.07 -11.62
H61 NAG J . -25.92 19.03 -12.81
H62 NAG J . -25.06 19.54 -14.29
H81 NAG J . -19.26 24.33 -14.89
H82 NAG J . -19.27 23.99 -16.63
H83 NAG J . -18.69 22.74 -15.50
HN2 NAG J . -20.51 22.27 -13.70
HO3 NAG J . -23.27 23.74 -15.39
HO6 NAG J . -27.42 19.79 -14.38
C1 NAG J . -26.93 23.38 -12.94
C2 NAG J . -27.89 22.77 -11.91
C3 NAG J . -29.28 22.98 -12.61
C4 NAG J . -29.60 24.48 -12.34
C5 NAG J . -28.50 25.21 -13.25
C6 NAG J . -28.33 26.73 -13.18
C7 NAG J . -28.39 21.07 -10.26
C8 NAG J . -28.25 19.67 -9.67
N2 NAG J . -27.72 21.44 -11.36
O3 NAG J . -30.36 22.11 -12.27
O4 NAG J . -30.97 24.67 -12.62
O5 NAG J . -27.18 24.77 -12.97
O6 NAG J . -27.21 27.08 -14.01
O7 NAG J . -29.16 21.84 -9.68
H1 NAG J . -27.07 23.08 -13.98
H2 NAG J . -27.75 23.43 -11.03
H3 NAG J . -29.21 22.81 -13.69
H4 NAG J . -29.48 24.74 -11.28
H5 NAG J . -28.71 24.98 -14.31
H61 NAG J . -28.16 27.04 -12.14
H62 NAG J . -29.24 27.23 -13.54
H81 NAG J . -27.43 19.11 -10.16
H82 NAG J . -29.18 19.11 -9.77
H83 NAG J . -28.02 19.73 -8.60
HN2 NAG J . -27.16 20.82 -11.85
HO3 NAG J . -30.41 22.07 -11.31
HO4 NAG J . -31.39 23.79 -12.60
HO6 NAG J . -26.50 26.44 -13.85
CA CA K . 4.29 -17.92 24.30
C' ST5 L . 8.54 -14.10 14.67
O1' ST5 L . 8.27 -15.10 13.96
O2' ST5 L . 9.38 -14.15 15.60
C1 ST5 L . 7.89 -12.88 14.42
C2 ST5 L . 7.86 -11.87 15.38
C3 ST5 L . 7.25 -10.65 15.12
N3 ST5 L . 7.16 -9.71 16.14
C3' ST5 L . 6.50 -9.99 17.26
O3 ST5 L . 5.49 -10.70 17.27
CM3 ST5 L . 7.00 -9.38 18.53
O3' ST5 L . 6.20 -9.82 19.63
C4 ST5 L . 6.67 -10.41 13.86
N4 ST5 L . 6.10 -9.20 13.53
C4' ST5 L . 6.80 -8.07 13.57
O4 ST5 L . 8.01 -8.06 13.84
CM4 ST5 L . 6.12 -6.76 13.20
C5 ST5 L . 6.70 -11.42 12.90
C6 ST5 L . 7.32 -12.64 13.18
HN3 ST5 L . 7.46 -8.79 15.96
HM31 ST5 L . 7.93 -9.65 18.69
HM32 ST5 L . 6.95 -8.40 18.47
HO3 ST5 L . 6.50 -9.42 20.45
HN4 ST5 L . 5.15 -9.18 13.28
CA CA M . 11.84 27.91 -10.87
C' ST5 N . 13.60 17.90 -15.56
O1' ST5 N . 13.45 17.20 -14.53
O2' ST5 N . 14.56 18.69 -15.69
C1 ST5 N . 12.68 17.79 -16.60
C2 ST5 N . 12.57 18.78 -17.57
C3 ST5 N . 11.67 18.66 -18.63
N3 ST5 N . 11.53 19.71 -19.53
C3' ST5 N . 11.13 20.90 -19.10
O3 ST5 N . 10.32 21.04 -18.19
CM3 ST5 N . 11.67 22.11 -19.81
O3' ST5 N . 11.17 23.30 -19.20
C4 ST5 N . 10.86 17.51 -18.73
N4 ST5 N . 9.99 17.31 -19.79
C4' ST5 N . 10.43 17.28 -21.05
O4 ST5 N . 11.63 17.37 -21.32
CM4 ST5 N . 9.43 17.06 -22.17
C5 ST5 N . 10.97 16.52 -17.76
C6 ST5 N . 11.87 16.66 -16.71
HN3 ST5 N . 11.58 19.52 -20.49
HM31 ST5 N . 12.65 22.12 -19.75
HM32 ST5 N . 11.40 22.09 -20.75
HO3 ST5 N . 11.49 24.08 -19.65
HN4 ST5 N . 9.04 17.21 -19.60
#